data_8YNN
#
_entry.id   8YNN
#
_cell.length_a   1.00
_cell.length_b   1.00
_cell.length_c   1.00
_cell.angle_alpha   90.00
_cell.angle_beta   90.00
_cell.angle_gamma   90.00
#
_symmetry.space_group_name_H-M   'P 1'
#
loop_
_entity.id
_entity.type
_entity.pdbx_description
1 polymer 'Caspase-8 subunit p10'
2 polymer 'CASP8 and FADD-like apoptosis regulator subunit p43'
#
loop_
_entity_poly.entity_id
_entity_poly.type
_entity_poly.pdbx_seq_one_letter_code
_entity_poly.pdbx_strand_id
1 'polypeptide(L)'
;MDFSRNLYDIGEQLDSEDLASLKFLSLDYIPQRKQEPIKDALMLFQRLQEKRMLEESNLSFLKELLFRINRLDLLITYLN
TRKEEMERELQTPGRAQISAYRVMLYQISEEVSRSELRSFKGGLQEEISKCKLDDDMNLLDIFIEMEKRVILGEGKLDIL
KRVCAQINKSLLKIINDYEEFSKERSSSLEGSPDEFSNGEELCGVMTISDSPREQDSESQTLDKVYQMKSKPRGYCLIIN
NHNFAKAREKVPKLHSIRDRNGTHLDAGALTTTFEELHFEIKPHDDCTVEQIYEILKIYQLMDHSNMDCFICCILSHGDK
GIIYGTDGQEAPIYELTSQFTGLKCPSLAGKPKVFFIQAAQGDNYQKGIPVETASEEQPYLEMALSSPQTRYIPDEADFL
LGMATVNNCVSYRNPAEGTWYIQSLCQSLRERCPRGDDILTILTEVNYEVSNKDDKKNMGKQMPQPTFTLRKKLVFPSD
;
A,B,C
2 'polypeptide(L)'
;MSAEVIHQVEEALDTDEKEMLLFLCRDVAIDVVPPNVRDLLDILRERGKLSVGDLAELLYRVRRFDLLKRILKMDRKAVE
THLLRNPHLVSDYRVLMAEIGEDLDKSDVSSLIFLMKDYMGRGKISKEKSFLDLVVELEKLNLVAPDQLDLLEKCLKNIH
RIDLKTKIQKYKQSVQGAGTS
;
H,I,J,K
#
# COMPACT_ATOMS: atom_id res chain seq x y z
N MET A 1 2.80 -32.21 12.15
CA MET A 1 2.42 -31.30 11.08
C MET A 1 3.65 -30.67 10.45
N ASP A 2 4.72 -31.46 10.32
CA ASP A 2 5.96 -30.93 9.78
C ASP A 2 5.83 -30.58 8.30
N PHE A 3 4.96 -31.29 7.56
CA PHE A 3 4.80 -30.99 6.15
C PHE A 3 4.27 -29.56 5.94
N SER A 4 3.27 -29.17 6.73
CA SER A 4 2.75 -27.82 6.62
C SER A 4 3.80 -26.79 6.99
N ARG A 5 4.60 -27.09 8.03
CA ARG A 5 5.67 -26.17 8.41
C ARG A 5 6.69 -26.01 7.30
N ASN A 6 7.05 -27.12 6.63
CA ASN A 6 7.99 -27.04 5.53
C ASN A 6 7.41 -26.23 4.38
N LEU A 7 6.13 -26.43 4.07
CA LEU A 7 5.50 -25.65 3.01
C LEU A 7 5.50 -24.17 3.35
N TYR A 8 5.20 -23.84 4.61
CA TYR A 8 5.19 -22.45 5.04
C TYR A 8 6.58 -21.84 4.92
N ASP A 9 7.61 -22.59 5.33
CA ASP A 9 8.97 -22.09 5.21
C ASP A 9 9.33 -21.83 3.75
N ILE A 10 8.94 -22.75 2.86
CA ILE A 10 9.21 -22.54 1.44
C ILE A 10 8.51 -21.30 0.94
N GLY A 11 7.24 -21.11 1.31
CA GLY A 11 6.49 -19.98 0.82
C GLY A 11 6.97 -18.65 1.38
N GLU A 12 7.57 -18.68 2.57
CA GLU A 12 7.99 -17.43 3.19
C GLU A 12 9.19 -16.78 2.50
N GLN A 13 9.83 -17.48 1.57
CA GLN A 13 11.02 -16.97 0.89
C GLN A 13 10.72 -16.56 -0.55
N LEU A 14 9.55 -16.00 -0.79
CA LEU A 14 9.13 -15.61 -2.13
C LEU A 14 8.66 -14.16 -2.11
N ASP A 15 9.14 -13.37 -3.07
CA ASP A 15 8.71 -11.98 -3.20
C ASP A 15 7.50 -11.91 -4.14
N SER A 16 7.14 -10.69 -4.54
CA SER A 16 5.98 -10.53 -5.41
C SER A 16 6.26 -11.05 -6.82
N GLU A 17 7.44 -10.75 -7.36
CA GLU A 17 7.73 -11.10 -8.75
C GLU A 17 7.78 -12.61 -8.94
N ASP A 18 8.41 -13.33 -8.01
CA ASP A 18 8.42 -14.78 -8.10
C ASP A 18 7.02 -15.35 -8.00
N LEU A 19 6.18 -14.78 -7.14
CA LEU A 19 4.81 -15.23 -7.04
C LEU A 19 4.07 -15.01 -8.36
N ALA A 20 4.31 -13.86 -9.01
CA ALA A 20 3.68 -13.60 -10.29
C ALA A 20 4.13 -14.62 -11.34
N SER A 21 5.43 -14.91 -11.37
CA SER A 21 5.93 -15.89 -12.34
C SER A 21 5.33 -17.27 -12.08
N LEU A 22 5.24 -17.67 -10.82
CA LEU A 22 4.64 -18.96 -10.50
C LEU A 22 3.18 -18.99 -10.91
N LYS A 23 2.46 -17.89 -10.67
CA LYS A 23 1.06 -17.83 -11.08
C LYS A 23 0.94 -17.97 -12.59
N PHE A 24 1.82 -17.30 -13.33
CA PHE A 24 1.78 -17.40 -14.79
C PHE A 24 2.05 -18.82 -15.25
N LEU A 25 3.02 -19.49 -14.65
CA LEU A 25 3.38 -20.83 -15.09
C LEU A 25 2.32 -21.88 -14.73
N SER A 26 1.35 -21.53 -13.89
CA SER A 26 0.32 -22.48 -13.50
C SER A 26 -0.98 -22.29 -14.26
N LEU A 27 -0.98 -21.47 -15.31
CA LEU A 27 -2.19 -21.23 -16.08
C LEU A 27 -2.72 -22.49 -16.73
N ASP A 28 -1.87 -23.50 -16.92
CA ASP A 28 -2.28 -24.75 -17.55
C ASP A 28 -3.02 -25.68 -16.61
N TYR A 29 -3.11 -25.34 -15.32
CA TYR A 29 -3.85 -26.16 -14.38
C TYR A 29 -4.70 -25.34 -13.42
N ILE A 30 -4.81 -24.03 -13.62
CA ILE A 30 -5.62 -23.20 -12.75
C ILE A 30 -6.44 -22.24 -13.61
N PRO A 31 -7.75 -22.21 -13.46
CA PRO A 31 -8.56 -21.25 -14.23
C PRO A 31 -8.38 -19.84 -13.71
N GLN A 32 -8.70 -18.88 -14.59
CA GLN A 32 -8.54 -17.47 -14.26
C GLN A 32 -9.40 -17.08 -13.07
N ARG A 33 -10.61 -17.64 -12.96
CA ARG A 33 -11.48 -17.33 -11.84
C ARG A 33 -10.85 -17.79 -10.53
N LYS A 34 -10.26 -18.98 -10.53
CA LYS A 34 -9.56 -19.47 -9.34
C LYS A 34 -8.25 -18.74 -9.09
N GLN A 35 -7.78 -17.93 -10.04
CA GLN A 35 -6.48 -17.28 -9.94
C GLN A 35 -6.56 -15.78 -9.69
N GLU A 36 -7.70 -15.16 -9.91
CA GLU A 36 -7.81 -13.71 -9.73
C GLU A 36 -7.48 -13.25 -8.32
N PRO A 37 -8.01 -13.84 -7.25
CA PRO A 37 -7.71 -13.33 -5.91
C PRO A 37 -6.43 -13.87 -5.28
N ILE A 38 -5.60 -14.60 -6.03
CA ILE A 38 -4.42 -15.22 -5.45
C ILE A 38 -3.37 -14.15 -5.21
N LYS A 39 -2.91 -14.05 -3.95
CA LYS A 39 -1.94 -13.02 -3.60
C LYS A 39 -0.84 -13.55 -2.67
N ASP A 40 -0.75 -14.86 -2.47
CA ASP A 40 0.29 -15.41 -1.60
C ASP A 40 0.60 -16.83 -2.06
N ALA A 41 1.79 -17.29 -1.66
CA ALA A 41 2.18 -18.66 -2.02
C ALA A 41 1.28 -19.69 -1.38
N LEU A 42 0.80 -19.42 -0.17
CA LEU A 42 -0.03 -20.40 0.53
C LEU A 42 -1.33 -20.66 -0.21
N MET A 43 -1.96 -19.61 -0.73
CA MET A 43 -3.20 -19.79 -1.48
C MET A 43 -2.97 -20.63 -2.73
N LEU A 44 -1.88 -20.37 -3.44
CA LEU A 44 -1.56 -21.15 -4.63
C LEU A 44 -1.30 -22.61 -4.26
N PHE A 45 -0.61 -22.84 -3.15
CA PHE A 45 -0.35 -24.21 -2.71
C PHE A 45 -1.65 -24.92 -2.35
N GLN A 46 -2.57 -24.21 -1.71
CA GLN A 46 -3.88 -24.80 -1.42
C GLN A 46 -4.61 -25.14 -2.71
N ARG A 47 -4.55 -24.25 -3.69
CA ARG A 47 -5.18 -24.53 -4.97
C ARG A 47 -4.61 -25.78 -5.60
N LEU A 48 -3.28 -25.93 -5.58
CA LEU A 48 -2.66 -27.12 -6.14
C LEU A 48 -3.08 -28.36 -5.36
N GLN A 49 -3.16 -28.25 -4.04
CA GLN A 49 -3.59 -29.39 -3.23
C GLN A 49 -5.02 -29.80 -3.57
N GLU A 50 -5.87 -28.83 -3.92
CA GLU A 50 -7.25 -29.15 -4.27
C GLU A 50 -7.32 -30.08 -5.47
N LYS A 51 -6.40 -29.94 -6.42
CA LYS A 51 -6.33 -30.84 -7.55
C LYS A 51 -5.42 -32.03 -7.28
N ARG A 52 -4.94 -32.17 -6.04
CA ARG A 52 -4.14 -33.32 -5.61
C ARG A 52 -2.90 -33.51 -6.48
N MET A 53 -2.29 -32.40 -6.87
CA MET A 53 -0.99 -32.43 -7.53
C MET A 53 0.16 -32.22 -6.56
N LEU A 54 -0.14 -31.90 -5.30
CA LEU A 54 0.87 -31.66 -4.29
C LEU A 54 0.47 -32.35 -2.99
N GLU A 55 1.36 -33.16 -2.45
CA GLU A 55 1.14 -33.84 -1.18
C GLU A 55 2.50 -34.31 -0.65
N GLU A 56 2.47 -34.99 0.49
CA GLU A 56 3.71 -35.49 1.07
C GLU A 56 4.38 -36.50 0.15
N SER A 57 3.61 -37.41 -0.44
CA SER A 57 4.17 -38.43 -1.30
C SER A 57 4.42 -37.95 -2.72
N ASN A 58 3.85 -36.81 -3.11
CA ASN A 58 3.96 -36.31 -4.48
C ASN A 58 4.51 -34.89 -4.43
N LEU A 59 5.80 -34.75 -4.73
CA LEU A 59 6.48 -33.47 -4.68
C LEU A 59 7.06 -33.08 -6.03
N SER A 60 6.82 -33.88 -7.07
CA SER A 60 7.47 -33.64 -8.35
C SER A 60 7.07 -32.32 -8.96
N PHE A 61 5.77 -31.98 -8.88
CA PHE A 61 5.32 -30.73 -9.47
C PHE A 61 5.97 -29.53 -8.81
N LEU A 62 6.04 -29.53 -7.49
CA LEU A 62 6.70 -28.43 -6.78
C LEU A 62 8.16 -28.34 -7.16
N LYS A 63 8.84 -29.48 -7.26
CA LYS A 63 10.24 -29.48 -7.65
C LYS A 63 10.42 -28.87 -9.03
N GLU A 64 9.57 -29.25 -9.98
CA GLU A 64 9.68 -28.70 -11.32
C GLU A 64 9.43 -27.19 -11.31
N LEU A 65 8.42 -26.76 -10.56
CA LEU A 65 8.11 -25.33 -10.50
C LEU A 65 9.31 -24.55 -9.95
N LEU A 66 9.87 -25.01 -8.84
CA LEU A 66 10.97 -24.28 -8.24
C LEU A 66 12.21 -24.33 -9.12
N PHE A 67 12.42 -25.44 -9.83
CA PHE A 67 13.56 -25.52 -10.74
C PHE A 67 13.42 -24.51 -11.87
N ARG A 68 12.21 -24.36 -12.42
CA ARG A 68 12.05 -23.50 -13.58
C ARG A 68 12.30 -22.04 -13.28
N ILE A 69 12.17 -21.62 -12.02
CA ILE A 69 12.48 -20.24 -11.65
C ILE A 69 13.86 -20.11 -11.04
N ASN A 70 14.68 -21.15 -11.14
CA ASN A 70 16.10 -21.13 -10.81
C ASN A 70 16.38 -20.88 -9.33
N ARG A 71 15.37 -20.97 -8.48
CA ARG A 71 15.54 -20.77 -7.04
C ARG A 71 16.09 -22.06 -6.42
N LEU A 72 17.33 -22.37 -6.79
CA LEU A 72 17.92 -23.66 -6.44
C LEU A 72 18.17 -23.78 -4.94
N ASP A 73 18.42 -22.66 -4.25
CA ASP A 73 18.69 -22.73 -2.82
C ASP A 73 17.49 -23.27 -2.07
N LEU A 74 16.29 -22.86 -2.48
CA LEU A 74 15.08 -23.41 -1.87
C LEU A 74 14.97 -24.90 -2.14
N LEU A 75 15.38 -25.34 -3.33
CA LEU A 75 15.35 -26.76 -3.66
C LEU A 75 16.26 -27.56 -2.75
N ILE A 76 17.48 -27.06 -2.54
CA ILE A 76 18.47 -27.85 -1.82
C ILE A 76 18.25 -27.79 -0.31
N THR A 77 17.80 -26.64 0.20
CA THR A 77 17.71 -26.48 1.65
C THR A 77 16.62 -27.34 2.26
N TYR A 78 15.45 -27.37 1.64
CA TYR A 78 14.28 -28.03 2.21
C TYR A 78 13.92 -29.34 1.53
N LEU A 79 13.95 -29.38 0.21
CA LEU A 79 13.56 -30.59 -0.50
C LEU A 79 14.69 -31.61 -0.61
N ASN A 80 15.91 -31.23 -0.23
CA ASN A 80 17.05 -32.14 -0.26
C ASN A 80 17.24 -32.73 -1.65
N THR A 81 17.23 -31.87 -2.65
CA THR A 81 17.43 -32.28 -4.04
C THR A 81 18.45 -31.36 -4.68
N ARG A 82 19.39 -31.94 -5.42
CA ARG A 82 20.45 -31.20 -6.06
C ARG A 82 20.12 -30.95 -7.54
N LYS A 83 20.95 -30.12 -8.16
CA LYS A 83 20.69 -29.71 -9.54
C LYS A 83 20.77 -30.89 -10.50
N GLU A 84 21.73 -31.80 -10.30
CA GLU A 84 21.91 -32.92 -11.20
C GLU A 84 20.69 -33.83 -11.20
N GLU A 85 20.11 -34.08 -10.03
CA GLU A 85 18.95 -34.94 -9.94
C GLU A 85 17.78 -34.37 -10.72
N MET A 86 17.52 -33.07 -10.56
CA MET A 86 16.43 -32.44 -11.28
C MET A 86 16.69 -32.43 -12.78
N GLU A 87 17.94 -32.16 -13.18
CA GLU A 87 18.27 -32.16 -14.61
C GLU A 87 18.02 -33.54 -15.21
N ARG A 88 18.45 -34.59 -14.52
CA ARG A 88 18.21 -35.95 -14.99
C ARG A 88 16.73 -36.28 -15.04
N GLU A 89 15.98 -35.87 -14.00
CA GLU A 89 14.55 -36.15 -13.96
C GLU A 89 13.83 -35.48 -15.12
N LEU A 90 14.17 -34.22 -15.41
CA LEU A 90 13.52 -33.52 -16.51
C LEU A 90 14.00 -34.01 -17.86
N GLN A 91 15.21 -34.56 -17.95
CA GLN A 91 15.67 -35.15 -19.19
C GLN A 91 14.83 -36.36 -19.59
N THR A 92 14.26 -37.06 -18.62
CA THR A 92 13.50 -38.26 -18.92
C THR A 92 12.16 -37.88 -19.54
N PRO A 93 11.84 -38.38 -20.73
CA PRO A 93 10.54 -38.10 -21.33
C PRO A 93 9.42 -38.75 -20.53
N GLY A 94 8.26 -38.10 -20.55
CA GLY A 94 7.12 -38.54 -19.78
C GLY A 94 7.06 -37.98 -18.37
N ARG A 95 8.16 -37.43 -17.87
CA ARG A 95 8.19 -36.79 -16.57
C ARG A 95 7.84 -35.31 -16.64
N ALA A 96 7.72 -34.75 -17.83
CA ALA A 96 7.45 -33.33 -18.00
C ALA A 96 5.96 -33.07 -17.78
N GLN A 97 5.64 -32.44 -16.66
CA GLN A 97 4.26 -32.11 -16.35
C GLN A 97 3.89 -30.69 -16.75
N ILE A 98 4.81 -29.94 -17.34
CA ILE A 98 4.57 -28.58 -17.81
C ILE A 98 5.04 -28.49 -19.26
N SER A 99 4.21 -27.90 -20.11
CA SER A 99 4.54 -27.82 -21.52
C SER A 99 5.80 -26.99 -21.75
N ALA A 100 6.66 -27.48 -22.64
CA ALA A 100 7.85 -26.72 -23.00
C ALA A 100 7.50 -25.41 -23.68
N TYR A 101 6.28 -25.28 -24.19
CA TYR A 101 5.85 -24.02 -24.80
C TYR A 101 5.82 -22.90 -23.76
N ARG A 102 5.16 -23.15 -22.63
CA ARG A 102 5.10 -22.14 -21.57
C ARG A 102 6.50 -21.87 -21.00
N VAL A 103 7.30 -22.92 -20.86
CA VAL A 103 8.66 -22.73 -20.33
C VAL A 103 9.47 -21.85 -21.26
N MET A 104 9.36 -22.08 -22.58
CA MET A 104 10.07 -21.24 -23.53
C MET A 104 9.58 -19.80 -23.45
N LEU A 105 8.26 -19.61 -23.31
CA LEU A 105 7.75 -18.25 -23.19
C LEU A 105 8.32 -17.56 -21.97
N TYR A 106 8.36 -18.25 -20.84
CA TYR A 106 8.89 -17.66 -19.61
C TYR A 106 10.37 -17.35 -19.74
N GLN A 107 11.13 -18.25 -20.36
CA GLN A 107 12.56 -18.00 -20.54
C GLN A 107 12.80 -16.81 -21.43
N ILE A 108 12.00 -16.68 -22.49
CA ILE A 108 12.09 -15.48 -23.33
C ILE A 108 11.74 -14.25 -22.53
N SER A 109 10.73 -14.36 -21.66
CA SER A 109 10.33 -13.22 -20.84
C SER A 109 11.47 -12.75 -19.94
N GLU A 110 12.25 -13.69 -19.41
CA GLU A 110 13.35 -13.29 -18.54
C GLU A 110 14.45 -12.54 -19.27
N GLU A 111 14.45 -12.53 -20.61
CA GLU A 111 15.56 -11.95 -21.37
C GLU A 111 15.19 -10.63 -22.02
N VAL A 112 14.47 -9.78 -21.31
CA VAL A 112 14.06 -8.47 -21.82
C VAL A 112 14.34 -7.42 -20.74
N SER A 113 14.98 -6.33 -21.14
CA SER A 113 15.22 -5.21 -20.24
C SER A 113 14.13 -4.15 -20.45
N ARG A 114 14.19 -3.09 -19.64
CA ARG A 114 13.15 -2.07 -19.70
C ARG A 114 13.14 -1.34 -21.03
N SER A 115 14.33 -0.98 -21.54
CA SER A 115 14.41 -0.37 -22.86
C SER A 115 13.91 -1.31 -23.94
N GLU A 116 14.29 -2.59 -23.85
CA GLU A 116 13.79 -3.58 -24.78
C GLU A 116 12.28 -3.74 -24.66
N LEU A 117 11.75 -3.67 -23.43
CA LEU A 117 10.31 -3.73 -23.23
C LEU A 117 9.61 -2.56 -23.90
N ARG A 118 10.17 -1.35 -23.76
CA ARG A 118 9.58 -0.19 -24.41
C ARG A 118 9.61 -0.33 -25.93
N SER A 119 10.72 -0.84 -26.47
CA SER A 119 10.81 -1.05 -27.91
C SER A 119 9.79 -2.08 -28.37
N PHE A 120 9.61 -3.16 -27.59
CA PHE A 120 8.62 -4.17 -27.93
C PHE A 120 7.21 -3.59 -27.92
N LYS A 121 6.90 -2.78 -26.90
CA LYS A 121 5.58 -2.16 -26.83
C LYS A 121 5.34 -1.22 -28.01
N GLY A 122 6.37 -0.44 -28.37
CA GLY A 122 6.24 0.44 -29.52
C GLY A 122 6.07 -0.32 -30.82
N GLY A 123 6.75 -1.45 -30.95
CA GLY A 123 6.63 -2.24 -32.17
C GLY A 123 5.25 -2.84 -32.35
N LEU A 124 4.63 -3.29 -31.26
CA LEU A 124 3.32 -3.92 -31.31
C LEU A 124 2.19 -2.93 -31.15
N GLN A 125 2.44 -1.65 -31.45
CA GLN A 125 1.37 -0.66 -31.40
C GLN A 125 0.32 -0.92 -32.48
N GLU A 126 0.75 -1.40 -33.66
CA GLU A 126 -0.16 -1.49 -34.79
C GLU A 126 -1.23 -2.55 -34.57
N GLU A 127 -0.84 -3.73 -34.10
CA GLU A 127 -1.74 -4.87 -34.01
C GLU A 127 -2.48 -4.95 -32.67
N ILE A 128 -2.11 -4.12 -31.70
CA ILE A 128 -2.66 -4.21 -30.35
C ILE A 128 -3.17 -2.83 -29.96
N SER A 129 -4.35 -2.81 -29.33
CA SER A 129 -4.89 -1.57 -28.79
C SER A 129 -3.99 -1.04 -27.68
N LYS A 130 -3.89 0.28 -27.60
CA LYS A 130 -3.07 0.91 -26.55
C LYS A 130 -3.60 0.59 -25.16
N CYS A 131 -4.88 0.25 -25.05
CA CYS A 131 -5.44 -0.13 -23.76
C CYS A 131 -4.72 -1.34 -23.18
N LYS A 132 -4.48 -2.35 -24.01
CA LYS A 132 -3.68 -3.50 -23.60
C LYS A 132 -2.19 -3.19 -23.61
N LEU A 133 -1.78 -2.04 -24.16
CA LEU A 133 -0.39 -1.62 -24.22
C LEU A 133 -0.07 -0.60 -23.14
N ASP A 134 -0.65 -0.77 -21.95
CA ASP A 134 -0.39 0.15 -20.85
C ASP A 134 1.07 0.09 -20.44
N ASP A 135 1.61 1.25 -20.03
CA ASP A 135 2.98 1.31 -19.55
C ASP A 135 3.21 0.47 -18.30
N ASP A 136 2.15 0.22 -17.53
CA ASP A 136 2.27 -0.62 -16.34
C ASP A 136 2.36 -2.09 -16.69
N MET A 137 2.01 -2.48 -17.92
CA MET A 137 2.02 -3.88 -18.29
C MET A 137 3.43 -4.40 -18.46
N ASN A 138 3.65 -5.62 -18.00
CA ASN A 138 4.90 -6.33 -18.20
C ASN A 138 4.77 -7.26 -19.41
N LEU A 139 5.83 -8.00 -19.68
CA LEU A 139 5.80 -8.92 -20.81
C LEU A 139 4.76 -10.01 -20.62
N LEU A 140 4.64 -10.54 -19.40
CA LEU A 140 3.70 -11.62 -19.15
C LEU A 140 2.27 -11.16 -19.35
N ASP A 141 1.96 -9.91 -18.99
CA ASP A 141 0.63 -9.38 -19.24
C ASP A 141 0.32 -9.36 -20.73
N ILE A 142 1.29 -8.92 -21.53
CA ILE A 142 1.11 -8.90 -22.98
C ILE A 142 0.89 -10.31 -23.50
N PHE A 143 1.67 -11.27 -23.00
CA PHE A 143 1.52 -12.65 -23.47
C PHE A 143 0.15 -13.19 -23.12
N ILE A 144 -0.33 -12.93 -21.91
CA ILE A 144 -1.64 -13.42 -21.51
C ILE A 144 -2.72 -12.81 -22.39
N GLU A 145 -2.63 -11.50 -22.64
CA GLU A 145 -3.63 -10.84 -23.47
C GLU A 145 -3.61 -11.39 -24.89
N MET A 146 -2.42 -11.59 -25.46
CA MET A 146 -2.32 -12.11 -26.82
C MET A 146 -2.91 -13.52 -26.90
N GLU A 147 -2.64 -14.35 -25.90
CA GLU A 147 -3.24 -15.68 -25.88
C GLU A 147 -4.75 -15.59 -25.73
N LYS A 148 -5.25 -14.60 -24.99
CA LYS A 148 -6.69 -14.47 -24.81
C LYS A 148 -7.39 -14.20 -26.14
N ARG A 149 -6.83 -13.32 -26.96
CA ARG A 149 -7.40 -12.99 -28.26
C ARG A 149 -6.91 -13.92 -29.37
N VAL A 150 -6.35 -15.07 -29.01
CA VAL A 150 -5.87 -16.13 -29.90
C VAL A 150 -5.11 -15.56 -31.08
N ILE A 151 -4.43 -14.43 -30.88
CA ILE A 151 -3.50 -13.91 -31.89
C ILE A 151 -2.12 -14.51 -31.75
N LEU A 152 -1.89 -15.33 -30.72
CA LEU A 152 -0.58 -15.92 -30.47
C LEU A 152 -0.79 -17.20 -29.68
N GLY A 153 -0.37 -18.33 -30.23
CA GLY A 153 -0.58 -19.59 -29.58
C GLY A 153 0.48 -20.60 -29.98
N GLU A 154 0.14 -21.87 -29.82
CA GLU A 154 1.08 -22.94 -30.14
C GLU A 154 1.41 -22.93 -31.63
N GLY A 155 0.40 -22.80 -32.48
CA GLY A 155 0.63 -22.71 -33.91
C GLY A 155 0.71 -21.32 -34.48
N LYS A 156 0.30 -20.32 -33.70
CA LYS A 156 0.32 -18.93 -34.13
C LYS A 156 1.56 -18.28 -33.52
N LEU A 157 2.62 -18.17 -34.33
CA LEU A 157 3.90 -17.66 -33.84
C LEU A 157 4.54 -16.63 -34.76
N ASP A 158 4.05 -16.47 -35.98
CA ASP A 158 4.76 -15.66 -36.97
C ASP A 158 4.85 -14.20 -36.55
N ILE A 159 3.74 -13.66 -36.03
CA ILE A 159 3.77 -12.27 -35.54
C ILE A 159 4.76 -12.15 -34.40
N LEU A 160 4.76 -13.13 -33.48
CA LEU A 160 5.72 -13.11 -32.39
C LEU A 160 7.16 -13.14 -32.92
N LYS A 161 7.43 -14.00 -33.89
CA LYS A 161 8.78 -14.07 -34.45
C LYS A 161 9.18 -12.75 -35.09
N ARG A 162 8.28 -12.17 -35.88
CA ARG A 162 8.60 -10.92 -36.57
C ARG A 162 8.86 -9.80 -35.58
N VAL A 163 8.03 -9.69 -34.54
CA VAL A 163 8.20 -8.61 -33.58
C VAL A 163 9.48 -8.80 -32.77
N CYS A 164 9.75 -10.05 -32.35
CA CYS A 164 10.94 -10.32 -31.55
C CYS A 164 12.23 -10.25 -32.36
N ALA A 165 12.15 -10.37 -33.68
CA ALA A 165 13.37 -10.33 -34.49
C ALA A 165 14.07 -8.98 -34.39
N GLN A 166 13.32 -7.91 -34.19
CA GLN A 166 13.93 -6.58 -34.16
C GLN A 166 14.86 -6.42 -32.97
N ILE A 167 14.45 -6.90 -31.80
CA ILE A 167 15.23 -6.66 -30.59
C ILE A 167 16.48 -7.54 -30.57
N ASN A 168 16.32 -8.82 -30.88
CA ASN A 168 17.43 -9.77 -30.77
C ASN A 168 17.18 -10.92 -31.74
N LYS A 169 18.20 -11.77 -31.89
CA LYS A 169 18.12 -12.94 -32.74
C LYS A 169 18.27 -14.25 -31.99
N SER A 170 18.92 -14.26 -30.83
CA SER A 170 18.95 -15.47 -30.00
C SER A 170 17.55 -15.90 -29.59
N LEU A 171 16.63 -14.94 -29.52
CA LEU A 171 15.23 -15.29 -29.30
C LEU A 171 14.72 -16.17 -30.44
N LEU A 172 15.11 -15.84 -31.68
CA LEU A 172 14.77 -16.70 -32.81
C LEU A 172 15.40 -18.07 -32.65
N LYS A 173 16.62 -18.13 -32.09
CA LYS A 173 17.25 -19.42 -31.83
C LYS A 173 16.41 -20.24 -30.87
N ILE A 174 15.95 -19.62 -29.79
CA ILE A 174 15.12 -20.32 -28.81
C ILE A 174 13.83 -20.81 -29.45
N ILE A 175 13.20 -19.95 -30.25
CA ILE A 175 11.94 -20.31 -30.91
C ILE A 175 12.17 -21.49 -31.85
N ASN A 176 13.25 -21.45 -32.62
CA ASN A 176 13.55 -22.53 -33.55
C ASN A 176 13.82 -23.83 -32.81
N ASP A 177 14.53 -23.75 -31.68
CA ASP A 177 14.77 -24.95 -30.87
C ASP A 177 13.46 -25.54 -30.38
N TYR A 178 12.55 -24.69 -29.88
CA TYR A 178 11.26 -25.19 -29.42
C TYR A 178 10.49 -25.83 -30.56
N GLU A 179 10.50 -25.20 -31.74
CA GLU A 179 9.78 -25.73 -32.89
C GLU A 179 10.35 -27.08 -33.31
N GLU A 180 11.68 -27.21 -33.33
CA GLU A 180 12.31 -28.46 -33.68
C GLU A 180 11.99 -29.54 -32.65
N PHE A 181 11.88 -29.16 -31.38
CA PHE A 181 11.51 -30.11 -30.34
C PHE A 181 10.09 -30.63 -30.53
N SER A 182 9.25 -29.89 -31.23
CA SER A 182 7.89 -30.35 -31.51
C SER A 182 7.86 -31.15 -32.81
N MET B 1 7.37 6.98 27.73
CA MET B 1 7.51 6.78 26.30
C MET B 1 8.91 7.16 25.83
N ASP B 2 9.86 7.19 26.76
CA ASP B 2 11.21 7.62 26.41
C ASP B 2 11.88 6.62 25.48
N PHE B 3 11.64 5.33 25.69
CA PHE B 3 12.26 4.32 24.84
C PHE B 3 11.81 4.46 23.39
N SER B 4 10.51 4.57 23.18
CA SER B 4 9.99 4.73 21.82
C SER B 4 10.49 6.01 21.19
N ARG B 5 10.55 7.09 21.98
CA ARG B 5 11.04 8.36 21.46
C ARG B 5 12.51 8.25 21.04
N ASN B 6 13.32 7.56 21.85
CA ASN B 6 14.72 7.34 21.49
C ASN B 6 14.84 6.53 20.21
N LEU B 7 14.02 5.48 20.07
CA LEU B 7 14.05 4.70 18.85
C LEU B 7 13.65 5.55 17.64
N TYR B 8 12.65 6.39 17.80
CA TYR B 8 12.22 7.25 16.71
C TYR B 8 13.31 8.23 16.32
N ASP B 9 13.99 8.80 17.32
CA ASP B 9 15.11 9.69 17.02
C ASP B 9 16.21 8.95 16.27
N ILE B 10 16.49 7.71 16.67
CA ILE B 10 17.50 6.93 15.96
C ILE B 10 17.09 6.70 14.52
N GLY B 11 15.82 6.35 14.31
CA GLY B 11 15.33 6.13 12.96
C GLY B 11 15.33 7.38 12.10
N GLU B 12 15.18 8.56 12.73
CA GLU B 12 15.12 9.80 11.99
C GLU B 12 16.43 10.18 11.32
N GLN B 13 17.54 9.49 11.64
CA GLN B 13 18.86 9.88 11.17
C GLN B 13 19.45 8.88 10.17
N LEU B 14 18.62 8.26 9.34
CA LEU B 14 19.08 7.28 8.37
C LEU B 14 18.51 7.60 6.99
N ASP B 15 19.31 7.39 5.96
CA ASP B 15 18.87 7.63 4.59
C ASP B 15 18.23 6.35 4.03
N SER B 16 18.02 6.31 2.72
CA SER B 16 17.54 5.09 2.09
C SER B 16 18.64 4.04 2.00
N GLU B 17 19.88 4.48 1.69
CA GLU B 17 20.97 3.53 1.52
C GLU B 17 21.28 2.79 2.82
N ASP B 18 21.27 3.51 3.95
CA ASP B 18 21.48 2.85 5.23
C ASP B 18 20.38 1.86 5.52
N LEU B 19 19.13 2.20 5.18
CA LEU B 19 18.03 1.27 5.37
C LEU B 19 18.23 0.02 4.52
N ALA B 20 18.68 0.19 3.28
CA ALA B 20 18.94 -0.95 2.43
C ALA B 20 20.05 -1.83 3.00
N SER B 21 21.11 -1.20 3.51
CA SER B 21 22.19 -1.97 4.11
C SER B 21 21.71 -2.75 5.32
N LEU B 22 20.89 -2.12 6.16
CA LEU B 22 20.35 -2.81 7.33
C LEU B 22 19.47 -3.99 6.91
N LYS B 23 18.61 -3.77 5.90
CA LYS B 23 17.75 -4.84 5.42
C LYS B 23 18.58 -6.00 4.90
N PHE B 24 19.66 -5.71 4.18
CA PHE B 24 20.54 -6.77 3.71
C PHE B 24 21.20 -7.49 4.88
N LEU B 25 21.62 -6.74 5.90
CA LEU B 25 22.34 -7.35 7.01
C LEU B 25 21.44 -8.18 7.90
N SER B 26 20.13 -7.92 7.91
CA SER B 26 19.23 -8.63 8.78
C SER B 26 18.45 -9.72 8.05
N LEU B 27 19.00 -10.23 6.95
CA LEU B 27 18.29 -11.24 6.16
C LEU B 27 18.21 -12.58 6.88
N ASP B 28 19.17 -12.89 7.74
CA ASP B 28 19.15 -14.17 8.43
C ASP B 28 17.95 -14.29 9.34
N TYR B 29 17.62 -13.23 10.08
CA TYR B 29 16.53 -13.26 11.04
C TYR B 29 15.20 -12.80 10.46
N ILE B 30 15.17 -12.36 9.20
CA ILE B 30 13.97 -11.81 8.60
C ILE B 30 13.78 -12.44 7.22
N PRO B 31 12.66 -13.11 6.96
CA PRO B 31 12.44 -13.68 5.63
C PRO B 31 12.12 -12.62 4.60
N GLN B 32 12.22 -13.01 3.33
CA GLN B 32 12.04 -12.08 2.22
C GLN B 32 10.64 -11.49 2.20
N ARG B 33 9.63 -12.30 2.52
CA ARG B 33 8.25 -11.83 2.41
C ARG B 33 8.00 -10.64 3.32
N LYS B 34 8.53 -10.67 4.54
CA LYS B 34 8.44 -9.51 5.41
C LYS B 34 9.42 -8.42 4.99
N GLN B 35 10.53 -8.79 4.36
CA GLN B 35 11.52 -7.80 3.96
C GLN B 35 10.98 -6.86 2.89
N GLU B 36 10.19 -7.40 1.95
CA GLU B 36 9.81 -6.61 0.78
C GLU B 36 9.05 -5.34 1.11
N PRO B 37 7.98 -5.35 1.93
CA PRO B 37 7.23 -4.10 2.17
C PRO B 37 7.79 -3.30 3.34
N ILE B 38 9.05 -2.90 3.23
CA ILE B 38 9.71 -2.11 4.27
C ILE B 38 10.39 -0.92 3.60
N LYS B 39 9.98 0.29 3.98
CA LYS B 39 10.56 1.51 3.43
C LYS B 39 11.00 2.50 4.49
N ASP B 40 10.97 2.12 5.77
CA ASP B 40 11.44 2.99 6.84
C ASP B 40 11.93 2.12 7.99
N ALA B 41 12.80 2.70 8.81
CA ALA B 41 13.39 1.95 9.91
C ALA B 41 12.35 1.53 10.95
N LEU B 42 11.24 2.25 11.06
CA LEU B 42 10.27 1.97 12.11
C LEU B 42 9.64 0.59 11.93
N MET B 43 9.29 0.23 10.69
CA MET B 43 8.71 -1.08 10.46
C MET B 43 9.71 -2.18 10.76
N LEU B 44 10.98 -1.96 10.42
CA LEU B 44 12.01 -2.94 10.73
C LEU B 44 12.14 -3.12 12.24
N PHE B 45 12.11 -2.02 12.99
CA PHE B 45 12.18 -2.12 14.44
C PHE B 45 10.96 -2.84 14.99
N GLN B 46 9.79 -2.62 14.37
CA GLN B 46 8.60 -3.35 14.78
C GLN B 46 8.79 -4.85 14.58
N ARG B 47 9.34 -5.25 13.44
CA ARG B 47 9.56 -6.68 13.20
C ARG B 47 10.53 -7.26 14.22
N LEU B 48 11.62 -6.52 14.49
CA LEU B 48 12.59 -7.01 15.45
C LEU B 48 11.99 -7.13 16.84
N GLN B 49 11.14 -6.18 17.22
CA GLN B 49 10.41 -6.28 18.47
C GLN B 49 9.52 -7.52 18.48
N GLU B 50 8.88 -7.81 17.35
CA GLU B 50 8.04 -8.99 17.26
C GLU B 50 8.85 -10.26 17.49
N LYS B 51 10.07 -10.32 16.96
CA LYS B 51 10.93 -11.47 17.20
C LYS B 51 11.71 -11.35 18.50
N ARG B 52 11.46 -10.32 19.30
CA ARG B 52 12.11 -10.14 20.60
C ARG B 52 13.63 -10.21 20.50
N MET B 53 14.17 -9.55 19.48
CA MET B 53 15.60 -9.32 19.40
C MET B 53 15.97 -7.90 19.78
N LEU B 54 15.00 -7.14 20.29
CA LEU B 54 15.22 -5.74 20.63
C LEU B 54 14.07 -5.28 21.52
N GLU B 55 14.40 -4.80 22.72
CA GLU B 55 13.38 -4.33 23.65
C GLU B 55 14.01 -3.31 24.58
N GLU B 56 13.25 -2.88 25.59
CA GLU B 56 13.74 -1.89 26.53
C GLU B 56 14.96 -2.39 27.28
N SER B 57 14.92 -3.64 27.73
CA SER B 57 16.01 -4.22 28.51
C SER B 57 17.03 -4.96 27.65
N ASN B 58 16.80 -5.05 26.34
CA ASN B 58 17.72 -5.76 25.44
C ASN B 58 18.00 -4.86 24.25
N LEU B 59 19.23 -4.37 24.16
CA LEU B 59 19.63 -3.47 23.08
C LEU B 59 20.91 -3.94 22.38
N SER B 60 21.35 -5.17 22.64
CA SER B 60 22.63 -5.61 22.11
C SER B 60 22.61 -5.67 20.58
N PHE B 61 21.55 -6.24 20.01
CA PHE B 61 21.50 -6.42 18.56
C PHE B 61 21.48 -5.08 17.85
N LEU B 62 20.74 -4.11 18.39
CA LEU B 62 20.70 -2.79 17.77
C LEU B 62 22.08 -2.15 17.80
N LYS B 63 22.80 -2.27 18.92
CA LYS B 63 24.14 -1.71 18.99
C LYS B 63 25.04 -2.38 17.97
N GLU B 64 24.96 -3.71 17.85
CA GLU B 64 25.78 -4.43 16.88
C GLU B 64 25.48 -3.95 15.47
N LEU B 65 24.20 -3.81 15.14
CA LEU B 65 23.82 -3.37 13.80
C LEU B 65 24.35 -1.97 13.51
N LEU B 66 24.20 -1.06 14.47
CA LEU B 66 24.64 0.31 14.24
C LEU B 66 26.16 0.37 14.10
N PHE B 67 26.89 -0.41 14.90
CA PHE B 67 28.34 -0.39 14.79
C PHE B 67 28.81 -0.98 13.46
N ARG B 68 28.16 -2.05 13.01
CA ARG B 68 28.63 -2.73 11.81
C ARG B 68 28.51 -1.88 10.56
N ILE B 69 27.64 -0.87 10.57
CA ILE B 69 27.48 0.01 9.42
C ILE B 69 28.28 1.30 9.57
N ASN B 70 29.17 1.36 10.57
CA ASN B 70 30.04 2.52 10.78
C ASN B 70 29.23 3.79 10.99
N ARG B 71 28.44 3.80 12.06
CA ARG B 71 27.67 4.96 12.48
C ARG B 71 27.89 5.11 13.98
N LEU B 72 28.92 5.84 14.36
CA LEU B 72 29.30 5.95 15.76
C LEU B 72 28.66 7.15 16.47
N ASP B 73 28.33 8.20 15.72
CA ASP B 73 27.74 9.38 16.35
C ASP B 73 26.40 9.05 16.98
N LEU B 74 25.59 8.25 16.30
CA LEU B 74 24.32 7.82 16.88
C LEU B 74 24.56 7.01 18.15
N LEU B 75 25.57 6.14 18.13
CA LEU B 75 25.89 5.34 19.30
C LEU B 75 26.26 6.22 20.48
N ILE B 76 27.09 7.23 20.25
CA ILE B 76 27.55 8.07 21.35
C ILE B 76 26.48 9.05 21.80
N THR B 77 25.52 9.38 20.94
CA THR B 77 24.51 10.37 21.29
C THR B 77 23.28 9.72 21.93
N TYR B 78 22.61 8.85 21.18
CA TYR B 78 21.35 8.28 21.64
C TYR B 78 21.52 6.94 22.33
N LEU B 79 22.75 6.46 22.48
CA LEU B 79 23.01 5.24 23.23
C LEU B 79 24.18 5.36 24.18
N ASN B 80 25.01 6.40 24.06
CA ASN B 80 26.14 6.63 24.95
C ASN B 80 27.05 5.41 25.03
N THR B 81 27.56 5.02 23.87
CA THR B 81 28.47 3.89 23.77
C THR B 81 29.47 4.16 22.67
N ARG B 82 30.76 4.11 23.01
CA ARG B 82 31.83 4.41 22.07
C ARG B 82 32.33 3.13 21.41
N LYS B 83 33.36 3.29 20.59
CA LYS B 83 33.87 2.16 19.80
C LYS B 83 34.49 1.09 20.68
N GLU B 84 35.17 1.49 21.76
CA GLU B 84 35.88 0.53 22.59
C GLU B 84 34.93 -0.47 23.24
N GLU B 85 33.81 0.02 23.77
CA GLU B 85 32.87 -0.89 24.44
C GLU B 85 32.30 -1.91 23.47
N MET B 86 31.90 -1.46 22.29
CA MET B 86 31.36 -2.38 21.30
C MET B 86 32.40 -3.39 20.84
N GLU B 87 33.64 -2.93 20.61
CA GLU B 87 34.68 -3.85 20.20
C GLU B 87 34.97 -4.89 21.29
N ARG B 88 35.01 -4.46 22.54
CA ARG B 88 35.24 -5.39 23.64
C ARG B 88 34.11 -6.40 23.74
N GLU B 89 32.87 -5.95 23.56
CA GLU B 89 31.74 -6.88 23.60
C GLU B 89 31.81 -7.86 22.44
N LEU B 90 32.17 -7.38 21.25
CA LEU B 90 32.30 -8.27 20.09
C LEU B 90 33.44 -9.26 20.29
N GLN B 91 34.43 -8.91 21.10
CA GLN B 91 35.48 -9.87 21.44
C GLN B 91 34.93 -11.11 22.13
N THR B 92 33.81 -10.98 22.82
CA THR B 92 33.23 -12.10 23.55
C THR B 92 32.65 -13.12 22.56
N PRO B 93 33.09 -14.37 22.59
CA PRO B 93 32.49 -15.37 21.70
C PRO B 93 31.03 -15.61 22.05
N GLY B 94 30.24 -15.90 21.02
CA GLY B 94 28.82 -16.10 21.17
C GLY B 94 28.00 -14.83 21.19
N ARG B 95 28.63 -13.66 21.15
CA ARG B 95 27.93 -12.40 21.10
C ARG B 95 27.88 -11.80 19.71
N ALA B 96 28.56 -12.40 18.74
CA ALA B 96 28.51 -11.94 17.35
C ALA B 96 27.24 -12.50 16.73
N GLN B 97 26.13 -11.80 16.93
CA GLN B 97 24.84 -12.29 16.44
C GLN B 97 24.72 -12.20 14.93
N ILE B 98 25.67 -11.54 14.25
CA ILE B 98 25.75 -11.51 12.80
C ILE B 98 26.88 -12.43 12.38
N SER B 99 26.58 -13.37 11.48
CA SER B 99 27.62 -14.25 10.97
C SER B 99 28.66 -13.43 10.21
N ALA B 100 29.93 -13.78 10.43
CA ALA B 100 31.02 -13.00 9.85
C ALA B 100 30.98 -13.01 8.33
N TYR B 101 30.36 -14.01 7.71
CA TYR B 101 30.29 -14.07 6.26
C TYR B 101 29.51 -12.89 5.70
N ARG B 102 28.39 -12.54 6.33
CA ARG B 102 27.63 -11.37 5.91
C ARG B 102 28.44 -10.09 6.07
N VAL B 103 29.17 -9.98 7.18
CA VAL B 103 29.99 -8.79 7.40
C VAL B 103 31.04 -8.68 6.31
N MET B 104 31.67 -9.79 5.96
CA MET B 104 32.68 -9.78 4.90
C MET B 104 32.07 -9.36 3.57
N LEU B 105 30.88 -9.88 3.27
CA LEU B 105 30.21 -9.48 2.04
C LEU B 105 29.96 -7.97 2.02
N TYR B 106 29.48 -7.43 3.14
CA TYR B 106 29.20 -6.01 3.20
C TYR B 106 30.47 -5.19 3.04
N GLN B 107 31.55 -5.62 3.70
CA GLN B 107 32.81 -4.90 3.59
C GLN B 107 33.33 -4.91 2.17
N ILE B 108 33.25 -6.06 1.50
CA ILE B 108 33.70 -6.14 0.11
C ILE B 108 32.85 -5.23 -0.76
N SER B 109 31.53 -5.23 -0.54
CA SER B 109 30.65 -4.38 -1.32
C SER B 109 30.96 -2.91 -1.11
N GLU B 110 31.42 -2.55 0.09
CA GLU B 110 31.65 -1.15 0.39
C GLU B 110 32.87 -0.57 -0.34
N GLU B 111 33.67 -1.40 -0.99
CA GLU B 111 34.93 -0.95 -1.59
C GLU B 111 34.91 -1.11 -3.10
N VAL B 112 33.81 -0.72 -3.75
CA VAL B 112 33.69 -0.83 -5.19
C VAL B 112 33.07 0.45 -5.72
N SER B 113 33.65 1.01 -6.79
CA SER B 113 33.15 2.20 -7.43
C SER B 113 32.27 1.82 -8.62
N ARG B 114 31.78 2.84 -9.33
CA ARG B 114 30.88 2.60 -10.46
C ARG B 114 31.60 1.87 -11.59
N SER B 115 32.82 2.28 -11.91
CA SER B 115 33.57 1.60 -12.97
C SER B 115 33.87 0.15 -12.57
N GLU B 116 34.24 -0.06 -11.31
CA GLU B 116 34.48 -1.42 -10.83
C GLU B 116 33.19 -2.22 -10.86
N LEU B 117 32.06 -1.60 -10.55
CA LEU B 117 30.78 -2.29 -10.65
C LEU B 117 30.49 -2.71 -12.09
N ARG B 118 30.74 -1.82 -13.05
CA ARG B 118 30.54 -2.17 -14.45
C ARG B 118 31.45 -3.32 -14.87
N SER B 119 32.71 -3.29 -14.42
CA SER B 119 33.62 -4.38 -14.74
C SER B 119 33.15 -5.68 -14.13
N PHE B 120 32.64 -5.64 -12.90
CA PHE B 120 32.12 -6.83 -12.25
C PHE B 120 30.94 -7.39 -13.03
N LYS B 121 30.01 -6.52 -13.44
CA LYS B 121 28.86 -6.98 -14.20
C LYS B 121 29.26 -7.57 -15.54
N GLY B 122 30.25 -6.96 -16.20
CA GLY B 122 30.74 -7.52 -17.45
C GLY B 122 31.41 -8.87 -17.25
N GLY B 123 32.13 -9.03 -16.15
CA GLY B 123 32.79 -10.28 -15.88
C GLY B 123 31.85 -11.39 -15.45
N LEU B 124 30.69 -11.04 -14.90
CA LEU B 124 29.71 -12.03 -14.48
C LEU B 124 28.75 -12.43 -15.60
N GLN B 125 29.16 -12.25 -16.86
CA GLN B 125 28.34 -12.68 -17.98
C GLN B 125 28.48 -14.15 -18.28
N GLU B 126 29.28 -14.88 -17.49
CA GLU B 126 29.51 -16.29 -17.76
C GLU B 126 28.29 -17.13 -17.43
N GLU B 127 27.88 -17.16 -16.17
CA GLU B 127 26.82 -18.04 -15.71
C GLU B 127 25.58 -17.28 -15.24
N ILE B 128 25.50 -15.98 -15.51
CA ILE B 128 24.37 -15.17 -15.09
C ILE B 128 23.82 -14.45 -16.32
N SER B 129 22.50 -14.47 -16.48
CA SER B 129 21.87 -13.77 -17.59
C SER B 129 22.08 -12.27 -17.46
N LYS B 130 22.13 -11.59 -18.60
CA LYS B 130 22.35 -10.14 -18.61
C LYS B 130 21.20 -9.36 -18.01
N CYS B 131 20.05 -10.00 -17.79
CA CYS B 131 18.93 -9.31 -17.12
C CYS B 131 19.33 -8.87 -15.72
N LYS B 132 20.01 -9.74 -14.98
CA LYS B 132 20.56 -9.37 -13.67
C LYS B 132 21.84 -8.54 -13.80
N LEU B 133 22.34 -8.38 -15.02
CA LEU B 133 23.56 -7.61 -15.27
C LEU B 133 23.25 -6.21 -15.79
N ASP B 134 22.00 -5.77 -15.72
CA ASP B 134 21.66 -4.42 -16.12
C ASP B 134 22.25 -3.42 -15.12
N ASP B 135 22.43 -2.19 -15.61
CA ASP B 135 23.08 -1.15 -14.83
C ASP B 135 22.27 -0.70 -13.62
N ASP B 136 20.99 -1.10 -13.52
CA ASP B 136 20.20 -0.73 -12.36
C ASP B 136 20.67 -1.43 -11.10
N MET B 137 21.19 -2.65 -11.24
CA MET B 137 21.57 -3.46 -10.09
C MET B 137 22.73 -2.84 -9.33
N ASN B 138 22.74 -3.04 -8.02
CA ASN B 138 23.87 -2.73 -7.18
C ASN B 138 24.61 -4.02 -6.83
N LEU B 139 25.70 -3.89 -6.08
CA LEU B 139 26.48 -5.07 -5.73
C LEU B 139 25.72 -5.99 -4.77
N LEU B 140 24.99 -5.40 -3.82
CA LEU B 140 24.26 -6.21 -2.85
C LEU B 140 23.19 -7.05 -3.54
N ASP B 141 22.53 -6.48 -4.55
CA ASP B 141 21.57 -7.26 -5.31
C ASP B 141 22.26 -8.42 -6.01
N ILE B 142 23.47 -8.19 -6.53
CA ILE B 142 24.21 -9.26 -7.18
C ILE B 142 24.51 -10.38 -6.19
N PHE B 143 24.92 -10.01 -4.97
CA PHE B 143 25.15 -11.03 -3.95
C PHE B 143 23.89 -11.80 -3.64
N ILE B 144 22.75 -11.12 -3.51
CA ILE B 144 21.51 -11.80 -3.19
C ILE B 144 21.16 -12.79 -4.30
N GLU B 145 21.27 -12.33 -5.56
CA GLU B 145 20.94 -13.20 -6.68
C GLU B 145 21.87 -14.41 -6.74
N MET B 146 23.18 -14.19 -6.54
CA MET B 146 24.11 -15.30 -6.55
C MET B 146 23.81 -16.29 -5.43
N GLU B 147 23.47 -15.77 -4.24
CA GLU B 147 23.11 -16.65 -3.15
C GLU B 147 21.85 -17.45 -3.47
N LYS B 148 20.95 -16.87 -4.27
CA LYS B 148 19.75 -17.60 -4.66
C LYS B 148 20.09 -18.83 -5.48
N ARG B 149 21.09 -18.73 -6.37
CA ARG B 149 21.42 -19.79 -7.31
C ARG B 149 22.62 -20.61 -6.87
N VAL B 150 22.75 -20.84 -5.55
CA VAL B 150 23.76 -21.67 -4.90
C VAL B 150 25.10 -21.64 -5.62
N ILE B 151 25.56 -20.44 -5.99
CA ILE B 151 26.91 -20.29 -6.53
C ILE B 151 27.82 -19.52 -5.59
N LEU B 152 27.30 -18.95 -4.51
CA LEU B 152 28.07 -18.17 -3.56
C LEU B 152 27.66 -18.50 -2.13
N GLY B 153 27.65 -19.78 -1.80
CA GLY B 153 27.37 -20.19 -0.44
C GLY B 153 28.53 -19.91 0.48
N GLU B 154 28.31 -20.21 1.77
CA GLU B 154 29.37 -19.99 2.77
C GLU B 154 30.60 -20.83 2.47
N GLY B 155 30.42 -22.00 1.87
CA GLY B 155 31.55 -22.85 1.54
C GLY B 155 31.96 -22.75 0.08
N LYS B 156 31.17 -22.04 -0.72
CA LYS B 156 31.42 -21.88 -2.15
C LYS B 156 31.86 -20.45 -2.39
N LEU B 157 33.16 -20.26 -2.62
CA LEU B 157 33.74 -18.93 -2.75
C LEU B 157 34.71 -18.77 -3.91
N ASP B 158 35.06 -19.86 -4.60
CA ASP B 158 36.09 -19.79 -5.63
C ASP B 158 35.66 -18.89 -6.78
N ILE B 159 34.38 -18.94 -7.15
CA ILE B 159 33.88 -18.07 -8.20
C ILE B 159 34.02 -16.61 -7.80
N LEU B 160 33.70 -16.30 -6.54
CA LEU B 160 33.88 -14.94 -6.05
C LEU B 160 35.34 -14.51 -6.14
N LYS B 161 36.25 -15.40 -5.75
CA LYS B 161 37.67 -15.08 -5.83
C LYS B 161 38.09 -14.83 -7.27
N ARG B 162 37.63 -15.68 -8.19
CA ARG B 162 38.00 -15.54 -9.60
C ARG B 162 37.50 -14.21 -10.17
N VAL B 163 36.25 -13.85 -9.85
CA VAL B 163 35.69 -12.62 -10.40
C VAL B 163 36.37 -11.41 -9.78
N CYS B 164 36.64 -11.45 -8.47
CA CYS B 164 37.27 -10.31 -7.81
C CYS B 164 38.73 -10.15 -8.18
N ALA B 165 39.38 -11.21 -8.64
CA ALA B 165 40.80 -11.11 -9.00
C ALA B 165 41.02 -10.18 -10.19
N GLN B 166 39.98 -9.85 -10.94
CA GLN B 166 40.10 -9.00 -12.11
C GLN B 166 40.04 -7.52 -11.78
N ILE B 167 39.86 -7.15 -10.51
CA ILE B 167 39.76 -5.74 -10.15
C ILE B 167 40.83 -5.39 -9.13
N ASN B 168 40.80 -6.05 -7.97
CA ASN B 168 41.74 -5.78 -6.91
C ASN B 168 42.14 -7.09 -6.24
N LYS B 169 43.31 -7.08 -5.63
CA LYS B 169 43.82 -8.27 -4.94
C LYS B 169 43.70 -8.17 -3.43
N SER B 170 43.57 -6.96 -2.88
CA SER B 170 43.34 -6.82 -1.44
C SER B 170 42.03 -7.46 -1.01
N LEU B 171 41.07 -7.56 -1.94
CA LEU B 171 39.85 -8.28 -1.65
C LEU B 171 40.14 -9.74 -1.35
N LEU B 172 41.11 -10.33 -2.07
CA LEU B 172 41.56 -11.67 -1.75
C LEU B 172 42.14 -11.72 -0.34
N LYS B 173 42.83 -10.65 0.08
CA LYS B 173 43.32 -10.57 1.44
C LYS B 173 42.16 -10.60 2.44
N ILE B 174 41.09 -9.86 2.15
CA ILE B 174 39.94 -9.85 3.05
C ILE B 174 39.33 -11.24 3.13
N ILE B 175 39.18 -11.91 1.98
CA ILE B 175 38.61 -13.25 1.96
C ILE B 175 39.49 -14.22 2.74
N ASN B 176 40.80 -14.10 2.59
CA ASN B 176 41.73 -14.94 3.33
C ASN B 176 41.60 -14.71 4.83
N ASP B 177 41.44 -13.45 5.24
CA ASP B 177 41.23 -13.16 6.65
C ASP B 177 39.95 -13.81 7.15
N TYR B 178 38.88 -13.73 6.37
CA TYR B 178 37.63 -14.37 6.78
C TYR B 178 37.82 -15.87 6.92
N GLU B 179 38.52 -16.49 5.96
CA GLU B 179 38.77 -17.92 6.03
C GLU B 179 39.59 -18.28 7.25
N GLU B 180 40.60 -17.48 7.56
CA GLU B 180 41.41 -17.71 8.75
C GLU B 180 40.57 -17.57 10.01
N PHE B 181 39.53 -16.73 9.97
CA PHE B 181 38.62 -16.66 11.12
C PHE B 181 37.91 -17.99 11.34
N SER B 182 37.57 -18.69 10.27
CA SER B 182 36.93 -19.99 10.39
C SER B 182 37.95 -21.10 10.61
N MET C 1 -1.46 36.80 -0.01
CA MET C 1 -0.41 35.82 -0.23
C MET C 1 0.87 36.50 -0.71
N ASP C 2 1.06 37.74 -0.30
CA ASP C 2 2.27 38.47 -0.67
C ASP C 2 3.52 37.83 -0.05
N PHE C 3 3.42 37.41 1.21
CA PHE C 3 4.59 36.83 1.87
C PHE C 3 5.03 35.54 1.18
N SER C 4 4.07 34.68 0.83
CA SER C 4 4.42 33.46 0.12
C SER C 4 5.01 33.77 -1.25
N ARG C 5 4.49 34.79 -1.93
CA ARG C 5 5.05 35.19 -3.21
C ARG C 5 6.49 35.63 -3.06
N ASN C 6 6.77 36.42 -2.02
CA ASN C 6 8.15 36.85 -1.76
C ASN C 6 9.04 35.65 -1.49
N LEU C 7 8.54 34.68 -0.72
CA LEU C 7 9.33 33.48 -0.45
C LEU C 7 9.63 32.73 -1.73
N TYR C 8 8.64 32.60 -2.61
CA TYR C 8 8.87 31.92 -3.88
C TYR C 8 9.88 32.67 -4.74
N ASP C 9 9.79 34.00 -4.75
CA ASP C 9 10.76 34.79 -5.49
C ASP C 9 12.17 34.56 -4.97
N ILE C 10 12.32 34.53 -3.64
CA ILE C 10 13.63 34.29 -3.05
C ILE C 10 14.14 32.91 -3.44
N GLY C 11 13.27 31.89 -3.35
CA GLY C 11 13.69 30.55 -3.69
C GLY C 11 13.99 30.34 -5.16
N GLU C 12 13.44 31.19 -6.02
CA GLU C 12 13.65 31.03 -7.46
C GLU C 12 15.11 31.22 -7.83
N GLN C 13 15.78 32.19 -7.22
CA GLN C 13 17.13 32.55 -7.66
C GLN C 13 18.18 31.54 -7.23
N LEU C 14 17.82 30.59 -6.37
CA LEU C 14 18.78 29.62 -5.87
C LEU C 14 19.09 28.56 -6.93
N ASP C 15 20.33 28.09 -6.92
CA ASP C 15 20.81 27.09 -7.85
C ASP C 15 21.09 25.77 -7.12
N SER C 16 21.67 24.81 -7.84
CA SER C 16 21.95 23.51 -7.25
C SER C 16 23.00 23.62 -6.15
N GLU C 17 24.09 24.34 -6.41
CA GLU C 17 25.14 24.48 -5.40
C GLU C 17 24.62 25.22 -4.18
N ASP C 18 23.86 26.30 -4.39
CA ASP C 18 23.29 27.02 -3.26
C ASP C 18 22.33 26.16 -2.47
N LEU C 19 21.51 25.36 -3.18
CA LEU C 19 20.57 24.47 -2.49
C LEU C 19 21.32 23.44 -1.66
N ALA C 20 22.38 22.86 -2.21
CA ALA C 20 23.17 21.89 -1.47
C ALA C 20 23.82 22.52 -0.25
N SER C 21 24.35 23.73 -0.40
CA SER C 21 24.95 24.42 0.74
C SER C 21 23.91 24.68 1.82
N LEU C 22 22.72 25.13 1.42
CA LEU C 22 21.66 25.36 2.40
C LEU C 22 21.25 24.07 3.08
N LYS C 23 21.17 22.97 2.32
CA LYS C 23 20.82 21.69 2.92
C LYS C 23 21.86 21.28 3.95
N PHE C 24 23.14 21.48 3.64
CA PHE C 24 24.18 21.17 4.61
C PHE C 24 24.07 22.05 5.84
N LEU C 25 23.81 23.34 5.65
CA LEU C 25 23.83 24.28 6.76
C LEU C 25 22.73 24.02 7.78
N SER C 26 21.66 23.32 7.39
CA SER C 26 20.53 23.09 8.27
C SER C 26 20.53 21.68 8.86
N LEU C 27 21.72 21.10 9.06
CA LEU C 27 21.80 19.72 9.52
C LEU C 27 21.17 19.55 10.90
N ASP C 28 21.47 20.47 11.82
CA ASP C 28 20.92 20.37 13.17
C ASP C 28 19.44 20.72 13.23
N TYR C 29 18.86 21.24 12.14
CA TYR C 29 17.44 21.55 12.12
C TYR C 29 16.64 20.65 11.20
N ILE C 30 17.30 19.83 10.37
CA ILE C 30 16.62 18.89 9.49
C ILE C 30 17.35 17.56 9.57
N PRO C 31 16.73 16.52 10.10
CA PRO C 31 17.37 15.21 10.14
C PRO C 31 17.48 14.61 8.75
N GLN C 32 18.16 13.47 8.67
CA GLN C 32 18.48 12.86 7.38
C GLN C 32 17.23 12.46 6.62
N ARG C 33 16.24 11.88 7.32
CA ARG C 33 15.07 11.33 6.65
C ARG C 33 14.31 12.41 5.89
N LYS C 34 14.09 13.56 6.52
CA LYS C 34 13.47 14.67 5.81
C LYS C 34 14.43 15.33 4.84
N GLN C 35 15.73 15.28 5.12
CA GLN C 35 16.70 16.00 4.30
C GLN C 35 16.84 15.36 2.92
N GLU C 36 16.78 14.03 2.86
CA GLU C 36 17.10 13.34 1.61
C GLU C 36 16.20 13.73 0.44
N PRO C 37 14.86 13.74 0.55
CA PRO C 37 14.05 14.01 -0.64
C PRO C 37 13.99 15.47 -1.02
N ILE C 38 14.80 16.31 -0.39
CA ILE C 38 14.79 17.74 -0.67
C ILE C 38 15.57 17.99 -1.96
N LYS C 39 14.89 18.59 -2.94
CA LYS C 39 15.53 18.92 -4.21
C LYS C 39 15.14 20.30 -4.71
N ASP C 40 14.54 21.14 -3.89
CA ASP C 40 14.18 22.49 -4.30
C ASP C 40 14.12 23.38 -3.07
N ALA C 41 14.15 24.69 -3.31
CA ALA C 41 14.08 25.65 -2.21
C ALA C 41 12.72 25.62 -1.53
N LEU C 42 11.66 25.35 -2.28
CA LEU C 42 10.32 25.43 -1.71
C LEU C 42 10.11 24.37 -0.64
N MET C 43 10.60 23.16 -0.86
CA MET C 43 10.48 22.12 0.15
C MET C 43 11.25 22.48 1.41
N LEU C 44 12.44 23.06 1.25
CA LEU C 44 13.21 23.49 2.40
C LEU C 44 12.47 24.58 3.17
N PHE C 45 11.85 25.52 2.47
CA PHE C 45 11.07 26.56 3.13
C PHE C 45 9.89 25.97 3.88
N GLN C 46 9.22 24.98 3.28
CA GLN C 46 8.11 24.34 3.96
C GLN C 46 8.58 23.64 5.24
N ARG C 47 9.70 22.93 5.16
CA ARG C 47 10.23 22.25 6.33
C ARG C 47 10.60 23.23 7.43
N LEU C 48 11.22 24.36 7.04
CA LEU C 48 11.55 25.37 8.03
C LEU C 48 10.31 25.96 8.66
N GLN C 49 9.26 26.18 7.86
CA GLN C 49 8.00 26.64 8.41
C GLN C 49 7.40 25.65 9.38
N GLU C 50 7.63 24.35 9.14
CA GLU C 50 7.08 23.34 10.02
C GLU C 50 7.58 23.51 11.46
N LYS C 51 8.88 23.74 11.62
CA LYS C 51 9.46 23.94 12.93
C LYS C 51 9.32 25.36 13.45
N ARG C 52 8.49 26.17 12.79
CA ARG C 52 8.23 27.55 13.21
C ARG C 52 9.53 28.33 13.37
N MET C 53 10.42 28.18 12.39
CA MET C 53 11.65 28.95 12.35
C MET C 53 11.66 29.95 11.21
N LEU C 54 10.53 30.14 10.54
CA LEU C 54 10.44 31.10 9.45
C LEU C 54 8.96 31.41 9.24
N GLU C 55 8.58 32.67 9.40
CA GLU C 55 7.19 33.07 9.28
C GLU C 55 7.13 34.59 9.09
N GLU C 56 5.92 35.14 9.12
CA GLU C 56 5.75 36.57 8.94
C GLU C 56 6.43 37.37 10.05
N SER C 57 6.23 36.95 11.30
CA SER C 57 6.75 37.73 12.42
C SER C 57 8.27 37.60 12.52
N ASN C 58 8.79 36.38 12.39
CA ASN C 58 10.22 36.12 12.55
C ASN C 58 10.81 35.83 11.18
N LEU C 59 11.77 36.65 10.77
CA LEU C 59 12.46 36.47 9.50
C LEU C 59 13.98 36.48 9.68
N SER C 60 14.46 36.43 10.92
CA SER C 60 15.89 36.55 11.18
C SER C 60 16.65 35.35 10.62
N PHE C 61 16.06 34.16 10.67
CA PHE C 61 16.76 32.96 10.23
C PHE C 61 17.11 33.03 8.75
N LEU C 62 16.16 33.46 7.93
CA LEU C 62 16.42 33.55 6.49
C LEU C 62 17.51 34.57 6.20
N LYS C 63 17.47 35.72 6.89
CA LYS C 63 18.52 36.72 6.70
C LYS C 63 19.87 36.16 7.10
N GLU C 64 19.91 35.41 8.21
CA GLU C 64 21.16 34.82 8.66
C GLU C 64 21.71 33.85 7.61
N LEU C 65 20.86 33.00 7.07
CA LEU C 65 21.30 32.05 6.06
C LEU C 65 21.81 32.76 4.81
N LEU C 66 21.07 33.78 4.36
CA LEU C 66 21.47 34.50 3.16
C LEU C 66 22.80 35.22 3.37
N PHE C 67 23.00 35.81 4.55
CA PHE C 67 24.28 36.44 4.86
C PHE C 67 25.40 35.42 4.86
N ARG C 68 25.15 34.23 5.41
CA ARG C 68 26.18 33.20 5.44
C ARG C 68 26.53 32.72 4.05
N ILE C 69 25.56 32.65 3.15
CA ILE C 69 25.82 32.15 1.79
C ILE C 69 26.24 33.29 0.88
N ASN C 70 26.46 34.47 1.45
CA ASN C 70 27.03 35.61 0.73
C ASN C 70 26.17 36.03 -0.46
N ARG C 71 24.85 36.01 -0.29
CA ARG C 71 23.94 36.52 -1.32
C ARG C 71 23.43 37.88 -0.87
N LEU C 72 24.24 38.91 -1.14
CA LEU C 72 23.91 40.27 -0.70
C LEU C 72 22.86 40.90 -1.60
N ASP C 73 22.90 40.61 -2.91
CA ASP C 73 21.93 41.19 -3.82
C ASP C 73 20.51 40.74 -3.48
N LEU C 74 20.33 39.46 -3.17
CA LEU C 74 19.03 38.98 -2.77
C LEU C 74 18.58 39.65 -1.47
N LEU C 75 19.51 39.81 -0.53
CA LEU C 75 19.18 40.47 0.73
C LEU C 75 18.70 41.89 0.51
N ILE C 76 19.38 42.64 -0.37
CA ILE C 76 19.03 44.02 -0.59
C ILE C 76 17.81 44.16 -1.50
N THR C 77 17.47 43.13 -2.28
CA THR C 77 16.35 43.23 -3.20
C THR C 77 15.05 42.74 -2.59
N TYR C 78 15.01 41.49 -2.15
CA TYR C 78 13.78 40.86 -1.72
C TYR C 78 13.57 40.89 -0.23
N LEU C 79 14.48 41.51 0.53
CA LEU C 79 14.32 41.60 1.97
C LEU C 79 14.55 42.99 2.54
N ASN C 80 15.01 43.96 1.74
CA ASN C 80 15.23 45.32 2.20
C ASN C 80 16.16 45.35 3.41
N THR C 81 17.21 44.52 3.36
CA THR C 81 18.16 44.39 4.47
C THR C 81 19.57 44.58 3.95
N ARG C 82 20.38 45.30 4.71
CA ARG C 82 21.76 45.60 4.33
C ARG C 82 22.75 44.72 5.11
N LYS C 83 23.98 44.68 4.60
CA LYS C 83 25.03 43.90 5.24
C LYS C 83 25.35 44.45 6.63
N GLU C 84 25.32 45.78 6.78
CA GLU C 84 25.59 46.38 8.08
C GLU C 84 24.56 45.94 9.11
N GLU C 85 23.29 45.88 8.72
CA GLU C 85 22.25 45.43 9.62
C GLU C 85 22.48 43.98 10.04
N MET C 86 22.88 43.12 9.09
CA MET C 86 23.16 41.73 9.42
C MET C 86 24.32 41.62 10.38
N GLU C 87 25.39 42.38 10.15
CA GLU C 87 26.53 42.35 11.06
C GLU C 87 26.14 42.84 12.45
N ARG C 88 25.33 43.90 12.52
CA ARG C 88 24.88 44.40 13.82
C ARG C 88 24.04 43.37 14.56
N GLU C 89 23.14 42.70 13.84
CA GLU C 89 22.32 41.67 14.47
C GLU C 89 23.16 40.49 14.93
N LEU C 90 24.14 40.08 14.12
CA LEU C 90 24.98 38.94 14.50
C LEU C 90 25.91 39.29 15.65
N GLN C 91 26.26 40.57 15.81
CA GLN C 91 27.09 40.96 16.94
C GLN C 91 26.35 40.75 18.26
N THR C 92 25.04 40.89 18.26
CA THR C 92 24.26 40.68 19.47
C THR C 92 24.30 39.21 19.86
N PRO C 93 24.72 38.87 21.08
CA PRO C 93 24.78 37.45 21.47
C PRO C 93 23.40 36.81 21.51
N GLY C 94 23.36 35.53 21.13
CA GLY C 94 22.14 34.76 21.15
C GLY C 94 21.28 34.88 19.91
N ARG C 95 21.56 35.85 19.04
CA ARG C 95 20.74 36.03 17.85
C ARG C 95 21.05 34.99 16.78
N ALA C 96 22.31 34.58 16.67
CA ALA C 96 22.70 33.62 15.66
C ALA C 96 22.26 32.22 16.06
N GLN C 97 21.57 31.54 15.14
CA GLN C 97 21.10 30.18 15.38
C GLN C 97 21.93 29.13 14.65
N ILE C 98 23.06 29.50 14.08
CA ILE C 98 23.96 28.58 13.39
C ILE C 98 25.25 28.49 14.18
N SER C 99 25.66 27.27 14.52
CA SER C 99 26.87 27.07 15.30
C SER C 99 28.09 27.55 14.53
N ALA C 100 28.95 28.29 15.22
CA ALA C 100 30.18 28.77 14.59
C ALA C 100 31.05 27.61 14.12
N TYR C 101 30.88 26.43 14.70
CA TYR C 101 31.53 25.22 14.17
C TYR C 101 31.13 25.01 12.71
N ARG C 102 29.83 24.98 12.44
CA ARG C 102 29.35 24.81 11.08
C ARG C 102 29.78 25.99 10.20
N VAL C 103 29.77 27.20 10.75
CA VAL C 103 30.11 28.38 9.96
C VAL C 103 31.55 28.30 9.49
N MET C 104 32.48 28.00 10.41
CA MET C 104 33.88 27.90 10.04
C MET C 104 34.12 26.72 9.12
N LEU C 105 33.38 25.62 9.30
CA LEU C 105 33.54 24.50 8.39
C LEU C 105 33.15 24.89 6.98
N TYR C 106 32.02 25.58 6.82
CA TYR C 106 31.61 26.03 5.50
C TYR C 106 32.60 27.02 4.91
N GLN C 107 33.12 27.93 5.75
CA GLN C 107 34.09 28.90 5.27
C GLN C 107 35.35 28.21 4.77
N ILE C 108 35.81 27.18 5.49
CA ILE C 108 36.94 26.40 5.02
C ILE C 108 36.60 25.72 3.70
N SER C 109 35.39 25.17 3.61
CA SER C 109 34.96 24.52 2.37
C SER C 109 34.99 25.48 1.19
N GLU C 110 34.67 26.75 1.41
CA GLU C 110 34.66 27.72 0.33
C GLU C 110 36.06 28.12 -0.10
N GLU C 111 37.09 27.75 0.65
CA GLU C 111 38.46 28.16 0.37
C GLU C 111 39.34 26.98 -0.07
N VAL C 112 38.80 26.07 -0.88
CA VAL C 112 39.53 24.90 -1.33
C VAL C 112 39.42 24.81 -2.84
N SER C 113 40.55 24.53 -3.50
CA SER C 113 40.58 24.34 -4.94
C SER C 113 40.53 22.85 -5.27
N ARG C 114 40.48 22.54 -6.57
CA ARG C 114 40.42 21.15 -7.00
C ARG C 114 41.68 20.40 -6.57
N SER C 115 42.84 21.00 -6.78
CA SER C 115 44.09 20.36 -6.38
C SER C 115 44.14 20.19 -4.86
N GLU C 116 43.69 21.19 -4.12
CA GLU C 116 43.63 21.08 -2.66
C GLU C 116 42.67 19.99 -2.24
N LEU C 117 41.53 19.87 -2.92
CA LEU C 117 40.59 18.80 -2.62
C LEU C 117 41.21 17.44 -2.87
N ARG C 118 41.94 17.30 -3.98
CA ARG C 118 42.62 16.03 -4.28
C ARG C 118 43.67 15.72 -3.22
N SER C 119 44.42 16.73 -2.78
CA SER C 119 45.42 16.51 -1.75
C SER C 119 44.76 16.08 -0.44
N PHE C 120 43.64 16.72 -0.08
CA PHE C 120 42.91 16.32 1.12
C PHE C 120 42.44 14.88 1.02
N LYS C 121 41.87 14.50 -0.12
CA LYS C 121 41.38 13.14 -0.28
C LYS C 121 42.51 12.13 -0.20
N GLY C 122 43.65 12.44 -0.83
CA GLY C 122 44.80 11.55 -0.73
C GLY C 122 45.31 11.45 0.70
N GLY C 123 45.27 12.56 1.44
CA GLY C 123 45.72 12.54 2.81
C GLY C 123 44.81 11.77 3.73
N LEU C 124 43.52 11.72 3.41
CA LEU C 124 42.53 11.04 4.24
C LEU C 124 41.86 9.87 3.52
N GLN C 125 42.60 9.18 2.68
CA GLN C 125 42.10 7.97 2.03
C GLN C 125 42.29 6.72 2.88
N GLU C 126 43.06 6.81 3.96
CA GLU C 126 43.33 5.63 4.77
C GLU C 126 42.11 5.21 5.58
N GLU C 127 41.43 6.18 6.19
CA GLU C 127 40.34 5.89 7.11
C GLU C 127 38.96 5.94 6.44
N ILE C 128 38.90 6.27 5.15
CA ILE C 128 37.64 6.47 4.45
C ILE C 128 37.64 5.62 3.19
N SER C 129 36.49 5.01 2.89
CA SER C 129 36.34 4.24 1.67
C SER C 129 36.39 5.15 0.45
N LYS C 130 36.80 4.57 -0.68
CA LYS C 130 36.90 5.32 -1.93
C LYS C 130 35.55 5.74 -2.48
N CYS C 131 34.48 5.00 -2.17
CA CYS C 131 33.16 5.36 -2.66
C CYS C 131 32.72 6.72 -2.15
N LYS C 132 32.96 6.99 -0.88
CA LYS C 132 32.74 8.34 -0.34
C LYS C 132 33.84 9.31 -0.75
N LEU C 133 34.98 8.81 -1.19
CA LEU C 133 36.09 9.64 -1.67
C LEU C 133 36.06 9.81 -3.18
N ASP C 134 34.89 9.76 -3.80
CA ASP C 134 34.79 9.97 -5.22
C ASP C 134 35.15 11.41 -5.58
N ASP C 135 35.59 11.60 -6.83
CA ASP C 135 36.08 12.90 -7.26
C ASP C 135 34.98 13.95 -7.20
N ASP C 136 33.74 13.57 -7.51
CA ASP C 136 32.64 14.53 -7.47
C ASP C 136 32.32 14.98 -6.04
N MET C 137 32.66 14.19 -5.04
CA MET C 137 32.37 14.55 -3.66
C MET C 137 33.15 15.81 -3.27
N ASN C 138 32.45 16.75 -2.65
CA ASN C 138 33.07 17.98 -2.18
C ASN C 138 33.52 17.81 -0.73
N LEU C 139 34.00 18.91 -0.14
CA LEU C 139 34.47 18.85 1.24
C LEU C 139 33.33 18.64 2.22
N LEU C 140 32.13 19.14 1.90
CA LEU C 140 31.01 19.04 2.84
C LEU C 140 30.63 17.59 3.09
N ASP C 141 30.57 16.76 2.04
CA ASP C 141 30.23 15.36 2.23
C ASP C 141 31.27 14.65 3.07
N ILE C 142 32.55 14.95 2.83
CA ILE C 142 33.61 14.35 3.63
C ILE C 142 33.47 14.74 5.09
N PHE C 143 33.15 16.02 5.35
CA PHE C 143 32.95 16.47 6.71
C PHE C 143 31.78 15.76 7.35
N ILE C 144 30.70 15.57 6.60
CA ILE C 144 29.53 14.87 7.13
C ILE C 144 29.91 13.44 7.52
N GLU C 145 30.61 12.75 6.63
CA GLU C 145 31.00 11.37 6.92
C GLU C 145 31.94 11.31 8.12
N MET C 146 32.87 12.26 8.22
CA MET C 146 33.78 12.30 9.36
C MET C 146 33.02 12.52 10.66
N GLU C 147 32.02 13.40 10.64
CA GLU C 147 31.18 13.58 11.80
C GLU C 147 30.42 12.30 12.14
N LYS C 148 30.06 11.52 11.12
CA LYS C 148 29.37 10.26 11.37
C LYS C 148 30.25 9.29 12.15
N ARG C 149 31.53 9.21 11.80
CA ARG C 149 32.45 8.27 12.43
C ARG C 149 33.15 8.84 13.66
N VAL C 150 32.59 9.90 14.25
CA VAL C 150 33.05 10.55 15.48
C VAL C 150 34.56 10.74 15.48
N ILE C 151 35.16 10.85 14.28
CA ILE C 151 36.57 11.19 14.19
C ILE C 151 36.79 12.69 14.13
N LEU C 152 35.75 13.47 13.86
CA LEU C 152 35.85 14.92 13.81
C LEU C 152 34.69 15.51 14.60
N GLY C 153 34.98 16.48 15.45
CA GLY C 153 33.95 17.11 16.22
C GLY C 153 34.49 18.30 16.98
N GLU C 154 33.63 18.86 17.83
CA GLU C 154 34.04 20.01 18.63
C GLU C 154 35.17 19.65 19.58
N GLY C 155 35.09 18.48 20.22
CA GLY C 155 36.11 18.04 21.15
C GLY C 155 37.31 17.37 20.54
N LYS C 156 37.30 17.13 19.23
CA LYS C 156 38.41 16.49 18.54
C LYS C 156 38.66 17.21 17.22
N LEU C 157 39.79 17.89 17.11
CA LEU C 157 40.11 18.66 15.91
C LEU C 157 41.53 18.43 15.43
N ASP C 158 42.31 17.58 16.09
CA ASP C 158 43.73 17.44 15.75
C ASP C 158 43.92 16.87 14.35
N ILE C 159 43.09 15.91 13.95
CA ILE C 159 43.22 15.32 12.63
C ILE C 159 42.97 16.36 11.55
N LEU C 160 41.95 17.20 11.75
CA LEU C 160 41.66 18.25 10.79
C LEU C 160 42.85 19.19 10.63
N LYS C 161 43.44 19.61 11.75
CA LYS C 161 44.61 20.46 11.68
C LYS C 161 45.78 19.77 10.97
N ARG C 162 46.00 18.49 11.28
CA ARG C 162 47.15 17.80 10.71
C ARG C 162 47.00 17.68 9.20
N VAL C 163 45.78 17.40 8.72
CA VAL C 163 45.55 17.31 7.29
C VAL C 163 45.64 18.68 6.63
N CYS C 164 45.06 19.71 7.27
CA CYS C 164 45.01 21.02 6.65
C CYS C 164 46.36 21.72 6.62
N ALA C 165 47.28 21.35 7.52
CA ALA C 165 48.58 21.98 7.56
C ALA C 165 49.44 21.67 6.34
N GLN C 166 49.04 20.69 5.52
CA GLN C 166 49.84 20.28 4.38
C GLN C 166 49.75 21.23 3.20
N ILE C 167 48.82 22.18 3.21
CA ILE C 167 48.65 23.08 2.08
C ILE C 167 48.76 24.53 2.52
N ASN C 168 47.90 24.95 3.45
CA ASN C 168 47.80 26.35 3.83
C ASN C 168 47.78 26.48 5.33
N LYS C 169 48.21 27.64 5.81
CA LYS C 169 48.19 27.95 7.23
C LYS C 169 47.04 28.87 7.63
N SER C 170 46.57 29.71 6.71
CA SER C 170 45.47 30.61 7.03
C SER C 170 44.23 29.84 7.46
N LEU C 171 44.02 28.65 6.91
CA LEU C 171 42.95 27.79 7.38
C LEU C 171 43.16 27.40 8.83
N LEU C 172 44.39 27.03 9.18
CA LEU C 172 44.72 26.78 10.59
C LEU C 172 44.59 28.04 11.41
N LYS C 173 44.85 29.21 10.82
CA LYS C 173 44.64 30.46 11.52
C LYS C 173 43.16 30.64 11.88
N ILE C 174 42.26 30.35 10.93
CA ILE C 174 40.84 30.43 11.21
C ILE C 174 40.44 29.42 12.27
N ILE C 175 41.04 28.23 12.21
CA ILE C 175 40.76 27.21 13.22
C ILE C 175 41.16 27.71 14.60
N ASN C 176 42.33 28.34 14.70
CA ASN C 176 42.79 28.88 15.98
C ASN C 176 41.86 30.00 16.45
N ASP C 177 41.39 30.83 15.53
CA ASP C 177 40.45 31.88 15.90
C ASP C 177 39.18 31.27 16.47
N TYR C 178 38.65 30.23 15.83
CA TYR C 178 37.45 29.57 16.35
C TYR C 178 37.70 28.95 17.71
N GLU C 179 38.87 28.34 17.89
CA GLU C 179 39.22 27.77 19.18
C GLU C 179 39.25 28.83 20.27
N GLU C 180 39.85 29.99 19.97
CA GLU C 180 39.96 31.05 20.97
C GLU C 180 38.62 31.73 21.22
N PHE C 181 37.71 31.69 20.24
CA PHE C 181 36.39 32.26 20.44
C PHE C 181 35.63 31.52 21.53
N SER C 182 35.71 30.19 21.53
CA SER C 182 35.05 29.38 22.54
C SER C 182 36.02 29.03 23.67
N SER D 2 -23.49 -43.61 3.02
CA SER D 2 -23.85 -43.59 4.43
C SER D 2 -24.39 -42.21 4.82
N ALA D 3 -23.98 -41.74 5.99
CA ALA D 3 -24.35 -40.42 6.47
C ALA D 3 -23.15 -39.57 6.85
N GLU D 4 -22.13 -40.17 7.47
CA GLU D 4 -20.93 -39.42 7.80
C GLU D 4 -20.22 -38.92 6.56
N VAL D 5 -20.14 -39.75 5.51
CA VAL D 5 -19.55 -39.32 4.26
C VAL D 5 -20.33 -38.17 3.67
N ILE D 6 -21.66 -38.22 3.76
CA ILE D 6 -22.50 -37.13 3.26
C ILE D 6 -22.25 -35.86 4.05
N HIS D 7 -22.10 -35.98 5.38
CA HIS D 7 -21.80 -34.82 6.20
C HIS D 7 -20.45 -34.20 5.82
N GLN D 8 -19.43 -35.04 5.62
CA GLN D 8 -18.14 -34.53 5.20
C GLN D 8 -18.24 -33.84 3.85
N VAL D 9 -18.98 -34.43 2.92
CA VAL D 9 -19.12 -33.85 1.59
C VAL D 9 -19.80 -32.48 1.68
N GLU D 10 -20.89 -32.40 2.45
CA GLU D 10 -21.63 -31.14 2.54
C GLU D 10 -20.83 -30.07 3.29
N GLU D 11 -19.98 -30.48 4.23
CA GLU D 11 -19.21 -29.49 4.98
C GLU D 11 -17.89 -29.11 4.33
N ALA D 12 -17.41 -29.89 3.36
CA ALA D 12 -16.12 -29.64 2.75
C ALA D 12 -16.23 -28.96 1.38
N LEU D 13 -17.40 -28.48 1.02
CA LEU D 13 -17.59 -27.83 -0.27
C LEU D 13 -17.48 -26.31 -0.11
N ASP D 14 -17.72 -25.59 -1.19
CA ASP D 14 -17.56 -24.15 -1.22
C ASP D 14 -18.86 -23.50 -1.72
N THR D 15 -19.07 -22.25 -1.30
CA THR D 15 -20.29 -21.54 -1.67
C THR D 15 -20.39 -21.38 -3.19
N ASP D 16 -19.30 -20.93 -3.83
CA ASP D 16 -19.29 -20.85 -5.28
C ASP D 16 -19.34 -22.24 -5.89
N GLU D 17 -18.67 -23.21 -5.26
CA GLU D 17 -18.77 -24.59 -5.71
C GLU D 17 -20.20 -25.10 -5.61
N LYS D 18 -20.89 -24.76 -4.52
CA LYS D 18 -22.29 -25.14 -4.38
C LYS D 18 -23.15 -24.47 -5.45
N GLU D 19 -22.85 -23.21 -5.77
CA GLU D 19 -23.56 -22.51 -6.84
C GLU D 19 -23.37 -23.22 -8.17
N MET D 20 -22.14 -23.64 -8.47
CA MET D 20 -21.88 -24.37 -9.69
C MET D 20 -22.62 -25.71 -9.71
N LEU D 21 -22.65 -26.38 -8.56
CA LEU D 21 -23.38 -27.64 -8.48
C LEU D 21 -24.86 -27.44 -8.73
N LEU D 22 -25.45 -26.40 -8.15
CA LEU D 22 -26.86 -26.11 -8.39
C LEU D 22 -27.11 -25.79 -9.85
N PHE D 23 -26.22 -25.02 -10.46
CA PHE D 23 -26.36 -24.70 -11.88
C PHE D 23 -26.32 -25.95 -12.72
N LEU D 24 -25.40 -26.87 -12.40
CA LEU D 24 -25.30 -28.11 -13.17
C LEU D 24 -26.54 -28.98 -12.99
N CYS D 25 -27.00 -29.13 -11.75
CA CYS D 25 -28.17 -29.96 -11.46
C CYS D 25 -29.47 -29.33 -11.92
N ARG D 26 -29.47 -28.04 -12.25
CA ARG D 26 -30.67 -27.41 -12.80
C ARG D 26 -31.13 -28.06 -14.09
N ASP D 27 -30.20 -28.62 -14.87
CA ASP D 27 -30.54 -29.25 -16.14
C ASP D 27 -31.47 -30.45 -15.95
N VAL D 28 -31.20 -31.28 -14.94
CA VAL D 28 -32.04 -32.45 -14.69
C VAL D 28 -33.43 -32.02 -14.26
N ALA D 29 -33.51 -31.05 -13.36
CA ALA D 29 -34.79 -30.55 -12.84
C ALA D 29 -35.66 -31.67 -12.28
N VAL D 33 -35.30 -23.87 -6.37
CA VAL D 33 -34.23 -24.83 -6.16
C VAL D 33 -33.85 -24.89 -4.68
N PRO D 34 -33.42 -26.05 -4.21
CA PRO D 34 -33.02 -26.18 -2.81
C PRO D 34 -31.87 -25.27 -2.48
N PRO D 35 -32.06 -24.31 -1.57
CA PRO D 35 -30.96 -23.42 -1.19
C PRO D 35 -29.76 -24.13 -0.60
N ASN D 36 -29.98 -25.24 0.12
CA ASN D 36 -28.91 -25.95 0.79
C ASN D 36 -28.50 -27.18 -0.02
N VAL D 37 -27.24 -27.57 0.11
CA VAL D 37 -26.74 -28.74 -0.61
C VAL D 37 -27.38 -30.02 -0.07
N ARG D 38 -27.63 -30.06 1.23
CA ARG D 38 -28.15 -31.28 1.85
C ARG D 38 -29.52 -31.64 1.31
N ASP D 39 -30.40 -30.64 1.17
CA ASP D 39 -31.72 -30.90 0.61
C ASP D 39 -31.64 -31.39 -0.83
N LEU D 40 -30.72 -30.80 -1.62
CA LEU D 40 -30.54 -31.25 -2.99
C LEU D 40 -30.08 -32.70 -3.05
N LEU D 41 -29.14 -33.08 -2.19
CA LEU D 41 -28.70 -34.47 -2.15
C LEU D 41 -29.82 -35.40 -1.69
N ASP D 42 -30.64 -34.96 -0.74
CA ASP D 42 -31.79 -35.76 -0.34
C ASP D 42 -32.74 -35.98 -1.52
N ILE D 43 -32.99 -34.91 -2.28
CA ILE D 43 -33.86 -35.01 -3.45
C ILE D 43 -33.26 -35.97 -4.48
N LEU D 44 -31.95 -35.87 -4.70
CA LEU D 44 -31.28 -36.75 -5.66
C LEU D 44 -31.36 -38.19 -5.22
N ARG D 45 -31.17 -38.45 -3.93
CA ARG D 45 -31.27 -39.81 -3.41
C ARG D 45 -32.69 -40.35 -3.55
N GLU D 46 -33.69 -39.52 -3.28
CA GLU D 46 -35.08 -39.98 -3.28
C GLU D 46 -35.63 -40.13 -4.70
N ARG D 47 -35.71 -39.04 -5.44
CA ARG D 47 -36.33 -39.07 -6.76
C ARG D 47 -35.36 -39.55 -7.83
N GLY D 48 -34.16 -38.98 -7.84
CA GLY D 48 -33.16 -39.30 -8.85
C GLY D 48 -32.38 -40.54 -8.51
N LYS D 49 -31.20 -40.66 -9.10
CA LYS D 49 -30.30 -41.80 -8.89
C LYS D 49 -29.01 -41.28 -8.28
N LEU D 50 -28.89 -41.37 -6.95
CA LEU D 50 -27.68 -40.95 -6.25
C LEU D 50 -26.67 -42.11 -6.24
N SER D 51 -26.22 -42.47 -7.43
CA SER D 51 -25.25 -43.54 -7.60
C SER D 51 -23.84 -42.99 -7.44
N VAL D 52 -22.92 -43.88 -7.04
CA VAL D 52 -21.52 -43.47 -6.88
C VAL D 52 -20.94 -43.02 -8.21
N GLY D 53 -21.26 -43.76 -9.29
CA GLY D 53 -20.77 -43.43 -10.60
C GLY D 53 -21.24 -42.08 -11.11
N ASP D 54 -22.33 -41.58 -10.54
CA ASP D 54 -22.86 -40.27 -10.87
C ASP D 54 -22.29 -39.15 -10.01
N LEU D 55 -22.21 -39.37 -8.69
CA LEU D 55 -21.63 -38.37 -7.81
C LEU D 55 -20.16 -38.16 -8.12
N ALA D 56 -19.45 -39.24 -8.46
CA ALA D 56 -18.04 -39.11 -8.84
C ALA D 56 -17.89 -38.24 -10.08
N GLU D 57 -18.75 -38.45 -11.09
CA GLU D 57 -18.70 -37.62 -12.28
C GLU D 57 -19.03 -36.17 -11.95
N LEU D 58 -20.04 -35.96 -11.08
CA LEU D 58 -20.42 -34.61 -10.73
C LEU D 58 -19.27 -33.87 -10.05
N LEU D 59 -18.58 -34.53 -9.12
CA LEU D 59 -17.45 -33.89 -8.46
C LEU D 59 -16.26 -33.70 -9.41
N TYR D 60 -16.04 -34.66 -10.30
CA TYR D 60 -14.97 -34.52 -11.28
C TYR D 60 -15.23 -33.35 -12.23
N ARG D 61 -16.52 -33.02 -12.44
CA ARG D 61 -16.84 -31.90 -13.31
C ARG D 61 -16.34 -30.57 -12.77
N VAL D 62 -16.06 -30.49 -11.47
CA VAL D 62 -15.67 -29.23 -10.82
C VAL D 62 -14.22 -29.26 -10.35
N ARG D 63 -13.45 -30.28 -10.75
CA ARG D 63 -12.04 -30.38 -10.42
C ARG D 63 -11.82 -30.39 -8.90
N ARG D 64 -12.30 -31.45 -8.27
CA ARG D 64 -12.12 -31.66 -6.83
C ARG D 64 -11.59 -33.07 -6.57
N PHE D 65 -10.53 -33.44 -7.29
CA PHE D 65 -10.00 -34.79 -7.20
C PHE D 65 -9.59 -35.14 -5.77
N ASP D 66 -9.24 -34.14 -4.97
CA ASP D 66 -8.87 -34.39 -3.58
C ASP D 66 -10.00 -35.07 -2.82
N LEU D 67 -11.22 -34.53 -2.92
CA LEU D 67 -12.36 -35.15 -2.26
C LEU D 67 -12.77 -36.44 -2.96
N LEU D 68 -12.52 -36.54 -4.26
CA LEU D 68 -12.84 -37.76 -5.00
C LEU D 68 -12.04 -38.95 -4.47
N LYS D 69 -10.73 -38.76 -4.31
CA LYS D 69 -9.91 -39.85 -3.78
C LYS D 69 -10.07 -40.01 -2.28
N ARG D 70 -10.19 -38.91 -1.54
CA ARG D 70 -10.24 -39.00 -0.08
C ARG D 70 -11.48 -39.73 0.40
N ILE D 71 -12.64 -39.43 -0.19
CA ILE D 71 -13.90 -39.95 0.32
C ILE D 71 -14.30 -41.23 -0.40
N LEU D 72 -14.30 -41.21 -1.72
CA LEU D 72 -14.73 -42.37 -2.49
C LEU D 72 -13.69 -43.48 -2.53
N LYS D 73 -12.46 -43.20 -2.12
CA LYS D 73 -11.36 -44.15 -2.22
C LYS D 73 -11.17 -44.63 -3.66
N MET D 74 -11.43 -43.72 -4.60
CA MET D 74 -11.31 -44.02 -6.02
C MET D 74 -10.55 -42.89 -6.69
N ASP D 75 -9.79 -43.24 -7.72
CA ASP D 75 -8.99 -42.30 -8.46
C ASP D 75 -9.78 -41.76 -9.64
N ARG D 76 -9.09 -41.01 -10.50
CA ARG D 76 -9.70 -40.46 -11.71
C ARG D 76 -10.01 -41.53 -12.74
N LYS D 77 -9.48 -42.74 -12.59
CA LYS D 77 -9.69 -43.78 -13.59
C LYS D 77 -11.16 -44.19 -13.68
N ALA D 78 -11.83 -44.35 -12.54
CA ALA D 78 -13.22 -44.78 -12.56
C ALA D 78 -14.12 -43.75 -13.24
N VAL D 79 -13.95 -42.48 -12.87
CA VAL D 79 -14.77 -41.43 -13.51
C VAL D 79 -14.40 -41.27 -14.98
N GLU D 80 -13.12 -41.46 -15.32
CA GLU D 80 -12.74 -41.43 -16.73
C GLU D 80 -13.44 -42.52 -17.52
N THR D 81 -13.48 -43.74 -16.98
CA THR D 81 -14.19 -44.83 -17.64
C THR D 81 -15.68 -44.53 -17.75
N HIS D 82 -16.26 -43.97 -16.68
CA HIS D 82 -17.68 -43.64 -16.70
C HIS D 82 -17.99 -42.60 -17.79
N LEU D 83 -17.14 -41.58 -17.91
CA LEU D 83 -17.32 -40.59 -18.97
C LEU D 83 -17.13 -41.21 -20.34
N LEU D 84 -16.15 -42.10 -20.49
CA LEU D 84 -15.92 -42.75 -21.78
C LEU D 84 -17.12 -43.59 -22.20
N ARG D 85 -17.74 -44.29 -21.25
CA ARG D 85 -18.95 -45.05 -21.58
C ARG D 85 -20.10 -44.11 -21.91
N ASN D 86 -20.54 -43.32 -20.93
CA ASN D 86 -21.62 -42.36 -21.14
C ASN D 86 -21.69 -41.36 -20.00
N PRO D 87 -21.84 -40.06 -20.29
CA PRO D 87 -22.08 -39.06 -19.23
C PRO D 87 -23.57 -38.99 -18.90
N HIS D 88 -24.01 -39.95 -18.09
CA HIS D 88 -25.44 -40.10 -17.80
C HIS D 88 -25.99 -38.90 -17.05
N LEU D 89 -25.23 -38.37 -16.09
CA LEU D 89 -25.78 -37.39 -15.17
C LEU D 89 -25.96 -36.03 -15.82
N VAL D 90 -24.87 -35.43 -16.32
CA VAL D 90 -24.90 -34.06 -16.77
C VAL D 90 -24.83 -34.02 -18.29
N SER D 91 -25.06 -32.83 -18.85
CA SER D 91 -24.99 -32.59 -20.28
C SER D 91 -23.74 -31.80 -20.61
N ASP D 92 -23.22 -32.03 -21.81
CA ASP D 92 -22.03 -31.30 -22.26
C ASP D 92 -22.32 -29.81 -22.42
N TYR D 93 -23.58 -29.45 -22.61
CA TYR D 93 -23.94 -28.04 -22.66
C TYR D 93 -23.66 -27.35 -21.32
N ARG D 94 -24.13 -27.95 -20.23
CA ARG D 94 -23.83 -27.41 -18.90
C ARG D 94 -22.34 -27.43 -18.63
N VAL D 95 -21.65 -28.49 -19.05
CA VAL D 95 -20.20 -28.57 -18.83
C VAL D 95 -19.49 -27.43 -19.52
N LEU D 96 -19.85 -27.17 -20.78
CA LEU D 96 -19.22 -26.08 -21.52
C LEU D 96 -19.56 -24.73 -20.89
N MET D 97 -20.79 -24.57 -20.43
CA MET D 97 -21.15 -23.31 -19.77
C MET D 97 -20.31 -23.09 -18.52
N ALA D 98 -20.16 -24.12 -17.70
CA ALA D 98 -19.35 -23.99 -16.48
C ALA D 98 -17.89 -23.74 -16.82
N GLU D 99 -17.37 -24.41 -17.85
CA GLU D 99 -15.99 -24.21 -18.24
C GLU D 99 -15.77 -22.77 -18.71
N ILE D 100 -16.71 -22.24 -19.49
CA ILE D 100 -16.60 -20.85 -19.95
C ILE D 100 -16.64 -19.90 -18.76
N GLY D 101 -17.57 -20.14 -17.83
CA GLY D 101 -17.64 -19.29 -16.65
C GLY D 101 -16.39 -19.32 -15.82
N GLU D 102 -15.72 -20.48 -15.78
CA GLU D 102 -14.50 -20.62 -14.98
C GLU D 102 -13.36 -19.77 -15.50
N ASP D 103 -13.44 -19.27 -16.73
CA ASP D 103 -12.33 -18.58 -17.36
C ASP D 103 -12.58 -17.09 -17.53
N LEU D 104 -13.41 -16.51 -16.66
CA LEU D 104 -13.75 -15.10 -16.73
C LEU D 104 -13.45 -14.44 -15.40
N ASP D 105 -12.87 -13.24 -15.45
CA ASP D 105 -12.57 -12.48 -14.26
C ASP D 105 -13.68 -11.47 -13.98
N LYS D 106 -13.44 -10.58 -13.00
CA LYS D 106 -14.44 -9.59 -12.65
C LYS D 106 -14.71 -8.62 -13.80
N SER D 107 -13.66 -8.22 -14.51
CA SER D 107 -13.84 -7.30 -15.63
C SER D 107 -14.70 -7.93 -16.72
N ASP D 108 -14.52 -9.23 -16.97
CA ASP D 108 -15.29 -9.90 -18.02
C ASP D 108 -16.77 -9.90 -17.70
N VAL D 109 -17.14 -10.30 -16.48
CA VAL D 109 -18.55 -10.31 -16.13
C VAL D 109 -19.11 -8.91 -16.06
N SER D 110 -18.30 -7.93 -15.63
CA SER D 110 -18.76 -6.54 -15.63
C SER D 110 -19.09 -6.08 -17.05
N SER D 111 -18.21 -6.37 -18.00
CA SER D 111 -18.47 -6.00 -19.38
C SER D 111 -19.68 -6.74 -19.93
N LEU D 112 -19.85 -8.00 -19.54
CA LEU D 112 -21.00 -8.77 -20.01
C LEU D 112 -22.30 -8.16 -19.50
N ILE D 113 -22.38 -7.86 -18.21
CA ILE D 113 -23.61 -7.29 -17.67
C ILE D 113 -23.84 -5.89 -18.22
N PHE D 114 -22.77 -5.17 -18.56
CA PHE D 114 -22.95 -3.88 -19.20
C PHE D 114 -23.53 -4.04 -20.60
N LEU D 115 -22.98 -4.97 -21.39
CA LEU D 115 -23.36 -5.08 -22.79
C LEU D 115 -24.75 -5.70 -22.95
N MET D 116 -25.04 -6.76 -22.20
CA MET D 116 -26.32 -7.45 -22.34
C MET D 116 -27.48 -6.63 -21.77
N LYS D 117 -27.19 -5.53 -21.08
CA LYS D 117 -28.22 -4.64 -20.56
C LYS D 117 -29.03 -3.95 -21.66
N ASP D 118 -28.70 -4.18 -22.93
CA ASP D 118 -29.41 -3.52 -24.02
C ASP D 118 -30.88 -3.92 -24.04
N TYR D 119 -31.17 -5.21 -23.84
CA TYR D 119 -32.54 -5.70 -23.80
C TYR D 119 -32.88 -6.39 -22.49
N MET D 120 -32.20 -6.04 -21.41
CA MET D 120 -32.52 -6.53 -20.07
C MET D 120 -32.64 -5.34 -19.13
N GLY D 121 -33.62 -5.40 -18.24
CA GLY D 121 -33.81 -4.33 -17.28
C GLY D 121 -32.67 -4.26 -16.28
N ARG D 122 -32.43 -3.05 -15.78
CA ARG D 122 -31.39 -2.86 -14.77
C ARG D 122 -31.70 -3.63 -13.49
N GLY D 123 -32.95 -3.59 -13.05
CA GLY D 123 -33.34 -4.34 -11.87
C GLY D 123 -33.45 -5.83 -12.11
N LYS D 124 -33.65 -6.25 -13.36
CA LYS D 124 -33.69 -7.68 -13.66
C LYS D 124 -32.34 -8.33 -13.41
N ILE D 125 -31.26 -7.66 -13.79
CA ILE D 125 -29.92 -8.20 -13.58
C ILE D 125 -29.35 -7.81 -12.23
N SER D 126 -29.72 -6.63 -11.72
CA SER D 126 -29.24 -6.11 -10.43
C SER D 126 -27.71 -6.03 -10.51
N LYS D 127 -26.97 -6.51 -9.52
CA LYS D 127 -25.52 -6.46 -9.54
C LYS D 127 -24.98 -7.56 -8.64
N GLU D 128 -23.65 -7.68 -8.62
CA GLU D 128 -22.95 -8.70 -7.84
C GLU D 128 -23.47 -10.10 -8.19
N LYS D 129 -23.30 -10.45 -9.46
CA LYS D 129 -23.76 -11.72 -9.99
C LYS D 129 -22.66 -12.40 -10.78
N SER D 130 -22.66 -13.73 -10.76
CA SER D 130 -21.69 -14.51 -11.50
C SER D 130 -22.22 -14.83 -12.89
N PHE D 131 -21.36 -15.46 -13.70
CA PHE D 131 -21.75 -15.82 -15.06
C PHE D 131 -22.90 -16.81 -15.06
N LEU D 132 -22.99 -17.67 -14.03
CA LEU D 132 -24.12 -18.57 -13.92
C LEU D 132 -25.42 -17.79 -13.76
N ASP D 133 -25.39 -16.68 -13.02
CA ASP D 133 -26.57 -15.85 -12.89
C ASP D 133 -26.98 -15.27 -14.24
N LEU D 134 -26.01 -14.82 -15.04
CA LEU D 134 -26.34 -14.34 -16.37
C LEU D 134 -26.95 -15.44 -17.22
N VAL D 135 -26.39 -16.66 -17.12
CA VAL D 135 -26.88 -17.76 -17.93
C VAL D 135 -28.33 -18.10 -17.55
N VAL D 136 -28.60 -18.19 -16.26
CA VAL D 136 -29.96 -18.53 -15.84
C VAL D 136 -30.92 -17.41 -16.17
N GLU D 137 -30.48 -16.15 -16.10
CA GLU D 137 -31.35 -15.05 -16.51
C GLU D 137 -31.68 -15.13 -17.99
N LEU D 138 -30.69 -15.45 -18.82
CA LEU D 138 -30.95 -15.60 -20.25
C LEU D 138 -31.89 -16.78 -20.51
N GLU D 139 -31.73 -17.86 -19.75
CA GLU D 139 -32.65 -19.00 -19.87
C GLU D 139 -34.07 -18.58 -19.52
N LYS D 140 -34.22 -17.77 -18.46
CA LYS D 140 -35.54 -17.27 -18.11
C LYS D 140 -36.10 -16.40 -19.23
N LEU D 141 -35.26 -15.57 -19.84
CA LEU D 141 -35.66 -14.80 -21.01
C LEU D 141 -35.91 -15.69 -22.22
N ASN D 142 -35.43 -16.93 -22.19
CA ASN D 142 -35.74 -17.95 -23.19
C ASN D 142 -35.28 -17.54 -24.59
N LEU D 143 -33.97 -17.33 -24.71
CA LEU D 143 -33.34 -17.21 -26.01
C LEU D 143 -32.01 -17.94 -26.08
N VAL D 144 -31.60 -18.63 -25.02
CA VAL D 144 -30.37 -19.41 -24.99
C VAL D 144 -30.73 -20.86 -24.74
N ALA D 145 -30.27 -21.74 -25.62
CA ALA D 145 -30.54 -23.17 -25.51
C ALA D 145 -29.34 -23.91 -26.09
N PRO D 146 -29.20 -25.20 -25.78
CA PRO D 146 -28.04 -25.95 -26.31
C PRO D 146 -27.94 -25.95 -27.83
N ASP D 147 -28.97 -25.51 -28.56
CA ASP D 147 -28.91 -25.42 -30.00
C ASP D 147 -28.75 -24.00 -30.53
N GLN D 148 -29.23 -22.99 -29.80
CA GLN D 148 -29.15 -21.60 -30.21
C GLN D 148 -28.08 -20.90 -29.39
N LEU D 149 -26.97 -20.54 -30.04
CA LEU D 149 -25.86 -19.89 -29.36
C LEU D 149 -25.26 -18.75 -30.18
N ASP D 150 -25.88 -18.37 -31.29
CA ASP D 150 -25.31 -17.35 -32.16
C ASP D 150 -25.24 -15.99 -31.45
N LEU D 151 -26.29 -15.62 -30.73
CA LEU D 151 -26.28 -14.36 -30.00
C LEU D 151 -25.19 -14.35 -28.93
N LEU D 152 -25.07 -15.44 -28.18
CA LEU D 152 -24.02 -15.54 -27.18
C LEU D 152 -22.65 -15.50 -27.83
N GLU D 153 -22.50 -16.19 -28.96
CA GLU D 153 -21.21 -16.17 -29.65
C GLU D 153 -20.84 -14.77 -30.11
N LYS D 154 -21.81 -14.03 -30.65
CA LYS D 154 -21.55 -12.65 -31.06
C LYS D 154 -21.18 -11.78 -29.87
N CYS D 155 -21.91 -11.91 -28.77
CA CYS D 155 -21.62 -11.12 -27.59
C CYS D 155 -20.22 -11.43 -27.07
N LEU D 156 -19.84 -12.70 -27.08
CA LEU D 156 -18.49 -13.09 -26.68
C LEU D 156 -17.45 -12.48 -27.61
N LYS D 157 -17.72 -12.52 -28.92
CA LYS D 157 -16.81 -11.91 -29.87
C LYS D 157 -16.64 -10.42 -29.61
N ASN D 158 -17.68 -9.77 -29.11
CA ASN D 158 -17.61 -8.33 -28.88
C ASN D 158 -16.57 -7.97 -27.82
N ILE D 159 -16.41 -8.82 -26.80
CA ILE D 159 -15.52 -8.50 -25.69
C ILE D 159 -14.11 -9.03 -25.98
N HIS D 160 -13.88 -9.48 -27.21
CA HIS D 160 -12.57 -9.91 -27.68
C HIS D 160 -12.05 -11.10 -26.85
N ARG D 161 -12.83 -12.19 -26.87
CA ARG D 161 -12.42 -13.47 -26.32
C ARG D 161 -12.67 -14.50 -27.42
N ILE D 162 -11.70 -14.62 -28.33
CA ILE D 162 -11.90 -15.44 -29.51
C ILE D 162 -11.51 -16.89 -29.28
N ASP D 163 -10.65 -17.15 -28.30
CA ASP D 163 -10.35 -18.53 -27.93
C ASP D 163 -11.61 -19.24 -27.44
N LEU D 164 -12.41 -18.56 -26.63
CA LEU D 164 -13.68 -19.12 -26.20
C LEU D 164 -14.63 -19.28 -27.39
N LYS D 165 -14.54 -18.39 -28.38
CA LYS D 165 -15.34 -18.57 -29.59
C LYS D 165 -14.93 -19.86 -30.32
N THR D 166 -13.62 -20.12 -30.40
CA THR D 166 -13.15 -21.36 -31.01
C THR D 166 -13.62 -22.57 -30.22
N LYS D 167 -13.62 -22.46 -28.90
CA LYS D 167 -14.14 -23.55 -28.07
C LYS D 167 -15.63 -23.78 -28.33
N ILE D 168 -16.39 -22.70 -28.48
CA ILE D 168 -17.81 -22.81 -28.81
C ILE D 168 -17.98 -23.50 -30.16
N GLN D 169 -17.19 -23.10 -31.15
CA GLN D 169 -17.26 -23.72 -32.47
C GLN D 169 -16.92 -25.20 -32.40
N LYS D 170 -15.89 -25.55 -31.62
CA LYS D 170 -15.51 -26.95 -31.49
C LYS D 170 -16.61 -27.76 -30.83
N TYR D 171 -17.24 -27.21 -29.79
CA TYR D 171 -18.36 -27.90 -29.17
C TYR D 171 -19.52 -28.08 -30.15
N LYS D 172 -19.80 -27.05 -30.95
CA LYS D 172 -20.88 -27.14 -31.91
C LYS D 172 -20.57 -28.19 -32.98
N GLN D 173 -19.30 -28.29 -33.40
CA GLN D 173 -18.93 -29.32 -34.35
C GLN D 173 -19.10 -30.72 -33.76
N SER D 174 -18.77 -30.90 -32.48
CA SER D 174 -18.90 -32.21 -31.85
C SER D 174 -20.36 -32.65 -31.81
N VAL D 175 -21.26 -31.73 -31.47
CA VAL D 175 -22.69 -32.03 -31.43
C VAL D 175 -23.48 -30.97 -32.18
N MET E 1 -27.03 -1.78 35.27
CA MET E 1 -28.01 -1.67 36.35
C MET E 1 -29.42 -1.88 35.83
N SER E 2 -30.07 -0.78 35.43
CA SER E 2 -31.45 -0.83 34.97
C SER E 2 -31.51 -1.26 33.51
N ALA E 3 -32.74 -1.42 33.00
CA ALA E 3 -32.91 -1.80 31.60
C ALA E 3 -32.37 -0.74 30.66
N GLU E 4 -32.60 0.53 30.97
CA GLU E 4 -32.07 1.60 30.14
C GLU E 4 -30.55 1.62 30.16
N VAL E 5 -29.94 1.24 31.29
CA VAL E 5 -28.48 1.21 31.36
C VAL E 5 -27.92 0.20 30.38
N ILE E 6 -28.45 -1.03 30.41
CA ILE E 6 -27.95 -2.06 29.49
C ILE E 6 -28.33 -1.73 28.06
N HIS E 7 -29.46 -1.06 27.84
CA HIS E 7 -29.83 -0.63 26.50
C HIS E 7 -28.81 0.37 25.96
N GLN E 8 -28.42 1.34 26.78
CA GLN E 8 -27.39 2.29 26.37
C GLN E 8 -26.07 1.58 26.13
N VAL E 9 -25.74 0.60 26.98
CA VAL E 9 -24.51 -0.15 26.81
C VAL E 9 -24.50 -0.86 25.45
N GLU E 10 -25.61 -1.51 25.12
CA GLU E 10 -25.71 -2.18 23.83
C GLU E 10 -25.63 -1.18 22.68
N GLU E 11 -26.25 -0.02 22.85
CA GLU E 11 -26.23 1.00 21.80
C GLU E 11 -24.81 1.51 21.56
N ALA E 12 -24.05 1.72 22.64
CA ALA E 12 -22.73 2.32 22.53
C ALA E 12 -21.63 1.34 22.16
N LEU E 13 -21.90 0.04 22.19
CA LEU E 13 -20.86 -0.93 21.89
C LEU E 13 -20.71 -1.13 20.39
N ASP E 14 -19.53 -1.59 19.99
CA ASP E 14 -19.22 -1.86 18.61
C ASP E 14 -19.32 -3.36 18.32
N THR E 15 -19.47 -3.68 17.03
CA THR E 15 -19.66 -5.08 16.63
C THR E 15 -18.46 -5.93 17.03
N ASP E 16 -17.24 -5.42 16.80
CA ASP E 16 -16.06 -6.12 17.28
C ASP E 16 -16.05 -6.22 18.79
N GLU E 17 -16.41 -5.13 19.47
CA GLU E 17 -16.51 -5.16 20.92
C GLU E 17 -17.55 -6.17 21.38
N LYS E 18 -18.71 -6.21 20.71
CA LYS E 18 -19.74 -7.17 21.07
C LYS E 18 -19.26 -8.60 20.87
N GLU E 19 -18.56 -8.86 19.77
CA GLU E 19 -18.03 -10.19 19.52
C GLU E 19 -17.01 -10.59 20.56
N MET E 20 -16.11 -9.68 20.92
CA MET E 20 -15.11 -9.99 21.93
C MET E 20 -15.77 -10.23 23.29
N LEU E 21 -16.80 -9.44 23.61
CA LEU E 21 -17.53 -9.65 24.85
C LEU E 21 -18.22 -11.01 24.86
N LEU E 22 -18.84 -11.39 23.75
CA LEU E 22 -19.49 -12.69 23.67
C LEU E 22 -18.49 -13.81 23.84
N PHE E 23 -17.32 -13.69 23.21
CA PHE E 23 -16.27 -14.69 23.40
C PHE E 23 -15.83 -14.74 24.86
N LEU E 24 -15.64 -13.57 25.48
CA LEU E 24 -15.08 -13.52 26.82
C LEU E 24 -16.00 -14.15 27.85
N CYS E 25 -17.32 -13.94 27.71
CA CYS E 25 -18.29 -14.50 28.63
C CYS E 25 -18.70 -15.92 28.27
N ARG E 26 -17.96 -16.57 27.36
CA ARG E 26 -18.28 -17.94 27.01
C ARG E 26 -18.15 -18.88 28.20
N ASP E 27 -17.15 -18.64 29.05
CA ASP E 27 -16.96 -19.49 30.22
C ASP E 27 -18.14 -19.43 31.16
N VAL E 28 -18.67 -18.22 31.40
CA VAL E 28 -19.83 -18.07 32.29
C VAL E 28 -21.15 -18.31 31.58
N ALA E 29 -21.14 -18.40 30.24
CA ALA E 29 -22.32 -18.77 29.47
C ALA E 29 -22.37 -20.26 29.17
N ILE E 30 -21.81 -21.08 30.06
CA ILE E 30 -21.76 -22.52 29.82
C ILE E 30 -23.16 -23.11 29.83
N ASP E 31 -24.06 -22.56 30.66
CA ASP E 31 -25.40 -23.12 30.78
C ASP E 31 -26.15 -23.06 29.46
N VAL E 32 -26.05 -21.95 28.75
CA VAL E 32 -26.72 -21.79 27.46
C VAL E 32 -26.02 -20.69 26.68
N VAL E 33 -26.06 -20.79 25.36
CA VAL E 33 -25.45 -19.80 24.48
C VAL E 33 -26.50 -18.75 24.13
N PRO E 34 -26.29 -17.48 24.46
CA PRO E 34 -27.25 -16.44 24.10
C PRO E 34 -27.05 -15.99 22.66
N PRO E 35 -28.12 -16.00 21.85
CA PRO E 35 -27.97 -15.50 20.47
C PRO E 35 -27.66 -14.02 20.38
N ASN E 36 -27.97 -13.24 21.40
CA ASN E 36 -27.78 -11.79 21.36
C ASN E 36 -26.98 -11.33 22.57
N VAL E 37 -26.19 -10.27 22.36
CA VAL E 37 -25.41 -9.69 23.45
C VAL E 37 -26.33 -9.12 24.52
N ARG E 38 -27.39 -8.40 24.12
CA ARG E 38 -28.35 -7.89 25.09
C ARG E 38 -29.06 -9.04 25.79
N ASP E 39 -29.35 -10.12 25.06
CA ASP E 39 -29.91 -11.31 25.69
C ASP E 39 -28.94 -11.88 26.73
N LEU E 40 -27.65 -11.90 26.42
CA LEU E 40 -26.67 -12.39 27.38
C LEU E 40 -26.63 -11.51 28.62
N LEU E 41 -26.67 -10.19 28.43
CA LEU E 41 -26.66 -9.28 29.57
C LEU E 41 -27.89 -9.47 30.43
N ASP E 42 -29.06 -9.64 29.81
CA ASP E 42 -30.28 -9.87 30.56
C ASP E 42 -30.21 -11.18 31.34
N ILE E 43 -29.68 -12.22 30.71
CA ILE E 43 -29.53 -13.52 31.39
C ILE E 43 -28.61 -13.38 32.59
N LEU E 44 -27.49 -12.69 32.41
CA LEU E 44 -26.53 -12.52 33.50
C LEU E 44 -27.16 -11.73 34.64
N ARG E 45 -27.88 -10.65 34.32
CA ARG E 45 -28.52 -9.85 35.36
C ARG E 45 -29.57 -10.67 36.10
N GLU E 46 -30.37 -11.44 35.38
CA GLU E 46 -31.36 -12.28 36.03
C GLU E 46 -30.73 -13.45 36.76
N ARG E 47 -29.46 -13.77 36.47
CA ARG E 47 -28.76 -14.84 37.16
C ARG E 47 -28.11 -14.36 38.45
N GLY E 48 -28.07 -13.06 38.71
CA GLY E 48 -27.51 -12.52 39.93
C GLY E 48 -26.02 -12.33 39.93
N LYS E 49 -25.31 -12.78 38.90
CA LYS E 49 -23.87 -12.58 38.80
C LYS E 49 -23.51 -11.23 38.20
N LEU E 50 -24.49 -10.48 37.71
CA LEU E 50 -24.25 -9.19 37.07
C LEU E 50 -24.59 -8.08 38.06
N SER E 51 -23.65 -7.18 38.26
CA SER E 51 -23.84 -6.04 39.14
C SER E 51 -23.04 -4.86 38.57
N VAL E 52 -23.02 -3.76 39.32
CA VAL E 52 -22.24 -2.60 38.90
C VAL E 52 -20.76 -2.95 38.84
N GLY E 53 -20.27 -3.68 39.85
CA GLY E 53 -18.89 -4.12 39.83
C GLY E 53 -18.59 -5.03 38.65
N ASP E 54 -19.50 -5.98 38.38
CA ASP E 54 -19.30 -6.89 37.25
C ASP E 54 -19.33 -6.13 35.93
N LEU E 55 -20.26 -5.18 35.79
CA LEU E 55 -20.32 -4.39 34.57
C LEU E 55 -19.06 -3.58 34.37
N ALA E 56 -18.55 -2.97 35.44
CA ALA E 56 -17.30 -2.23 35.35
C ALA E 56 -16.15 -3.16 34.98
N GLU E 57 -16.14 -4.36 35.55
CA GLU E 57 -15.12 -5.35 35.19
C GLU E 57 -15.16 -5.67 33.71
N LEU E 58 -16.35 -5.91 33.17
CA LEU E 58 -16.47 -6.22 31.75
C LEU E 58 -16.01 -5.05 30.89
N LEU E 59 -16.42 -3.84 31.26
CA LEU E 59 -16.04 -2.67 30.46
C LEU E 59 -14.54 -2.45 30.51
N TYR E 60 -13.92 -2.64 31.66
CA TYR E 60 -12.47 -2.56 31.74
C TYR E 60 -11.81 -3.62 30.89
N ARG E 61 -12.36 -4.84 30.88
CA ARG E 61 -11.80 -5.91 30.09
C ARG E 61 -11.85 -5.58 28.60
N VAL E 62 -12.96 -5.00 28.14
CA VAL E 62 -13.06 -4.58 26.75
C VAL E 62 -12.47 -3.20 26.51
N ARG E 63 -11.87 -2.58 27.53
CA ARG E 63 -11.20 -1.29 27.41
C ARG E 63 -12.15 -0.21 26.89
N ARG E 64 -13.16 0.09 27.70
CA ARG E 64 -14.17 1.10 27.39
C ARG E 64 -14.29 2.10 28.55
N PHE E 65 -13.14 2.64 28.97
CA PHE E 65 -13.12 3.55 30.12
C PHE E 65 -13.98 4.77 29.88
N ASP E 66 -14.16 5.17 28.62
CA ASP E 66 -14.97 6.35 28.31
C ASP E 66 -16.41 6.16 28.78
N LEU E 67 -16.99 4.98 28.53
CA LEU E 67 -18.35 4.72 28.99
C LEU E 67 -18.42 4.74 30.52
N LEU E 68 -17.43 4.13 31.18
CA LEU E 68 -17.45 4.11 32.64
C LEU E 68 -17.41 5.52 33.21
N LYS E 69 -16.55 6.38 32.65
CA LYS E 69 -16.51 7.76 33.13
C LYS E 69 -17.81 8.49 32.82
N ARG E 70 -18.34 8.31 31.61
CA ARG E 70 -19.55 9.03 31.21
C ARG E 70 -20.79 8.46 31.89
N ILE E 71 -20.90 7.13 31.96
CA ILE E 71 -22.11 6.51 32.48
C ILE E 71 -22.04 6.31 33.99
N LEU E 72 -21.08 5.51 34.45
CA LEU E 72 -20.99 5.16 35.86
C LEU E 72 -20.13 6.11 36.67
N LYS E 73 -19.44 7.05 36.03
CA LYS E 73 -18.60 8.04 36.70
C LYS E 73 -17.59 7.36 37.62
N MET E 74 -16.71 6.56 36.99
CA MET E 74 -15.73 5.78 37.73
C MET E 74 -14.37 5.91 37.06
N ASP E 75 -13.34 5.65 37.84
CA ASP E 75 -11.96 5.72 37.36
C ASP E 75 -11.36 4.32 37.28
N ARG E 76 -10.23 4.23 36.58
CA ARG E 76 -9.54 2.95 36.44
C ARG E 76 -9.05 2.43 37.78
N LYS E 77 -8.75 3.34 38.72
CA LYS E 77 -8.30 2.91 40.03
C LYS E 77 -9.38 2.12 40.77
N ALA E 78 -10.63 2.58 40.67
CA ALA E 78 -11.72 1.89 41.35
C ALA E 78 -11.90 0.47 40.83
N VAL E 79 -11.88 0.31 39.51
CA VAL E 79 -12.05 -1.02 38.94
C VAL E 79 -10.83 -1.89 39.23
N GLU E 80 -9.63 -1.29 39.29
CA GLU E 80 -8.45 -2.05 39.66
C GLU E 80 -8.57 -2.57 41.10
N THR E 81 -9.04 -1.72 42.00
CA THR E 81 -9.22 -2.14 43.39
C THR E 81 -10.28 -3.23 43.49
N HIS E 82 -11.38 -3.08 42.76
CA HIS E 82 -12.43 -4.09 42.77
C HIS E 82 -11.90 -5.43 42.24
N LEU E 83 -11.11 -5.39 41.17
CA LEU E 83 -10.51 -6.60 40.63
C LEU E 83 -9.57 -7.23 41.65
N LEU E 84 -8.74 -6.42 42.31
CA LEU E 84 -7.79 -6.96 43.27
C LEU E 84 -8.50 -7.60 44.45
N ARG E 85 -9.57 -6.97 44.93
CA ARG E 85 -10.27 -7.42 46.13
C ARG E 85 -11.31 -8.50 45.82
N ASN E 86 -12.30 -8.16 45.01
CA ASN E 86 -13.37 -9.09 44.71
C ASN E 86 -12.86 -10.22 43.82
N PRO E 87 -13.48 -11.39 43.90
CA PRO E 87 -13.08 -12.50 43.02
C PRO E 87 -13.29 -12.15 41.56
N HIS E 88 -12.38 -12.62 40.72
CA HIS E 88 -12.43 -12.33 39.30
C HIS E 88 -13.54 -13.17 38.65
N LEU E 89 -14.40 -12.51 37.88
CA LEU E 89 -15.52 -13.20 37.27
C LEU E 89 -15.06 -14.24 36.26
N VAL E 90 -14.08 -13.89 35.43
CA VAL E 90 -13.62 -14.76 34.36
C VAL E 90 -12.14 -15.03 34.53
N SER E 91 -11.71 -16.19 34.05
CA SER E 91 -10.31 -16.57 34.14
C SER E 91 -9.44 -15.68 33.26
N ASP E 92 -8.18 -15.51 33.68
CA ASP E 92 -7.22 -14.80 32.86
C ASP E 92 -6.90 -15.55 31.57
N TYR E 93 -7.30 -16.82 31.47
CA TYR E 93 -7.20 -17.55 30.21
C TYR E 93 -7.90 -16.81 29.09
N ARG E 94 -9.14 -16.38 29.33
CA ARG E 94 -9.88 -15.64 28.31
C ARG E 94 -9.21 -14.30 28.03
N VAL E 95 -8.66 -13.66 29.06
CA VAL E 95 -8.00 -12.37 28.87
C VAL E 95 -6.79 -12.52 27.96
N LEU E 96 -5.98 -13.56 28.21
CA LEU E 96 -4.82 -13.80 27.37
C LEU E 96 -5.23 -14.13 25.94
N MET E 97 -6.28 -14.94 25.79
CA MET E 97 -6.75 -15.26 24.45
C MET E 97 -7.19 -14.00 23.71
N ALA E 98 -7.93 -13.12 24.39
CA ALA E 98 -8.39 -11.89 23.76
C ALA E 98 -7.22 -10.99 23.39
N GLU E 99 -6.24 -10.86 24.29
CA GLU E 99 -5.10 -10.02 24.00
C GLU E 99 -4.30 -10.55 22.81
N ILE E 100 -4.14 -11.87 22.74
CA ILE E 100 -3.47 -12.47 21.58
C ILE E 100 -4.25 -12.18 20.31
N GLY E 101 -5.58 -12.32 20.37
CA GLY E 101 -6.40 -12.02 19.22
C GLY E 101 -6.33 -10.57 18.79
N GLU E 102 -5.99 -9.68 19.72
CA GLU E 102 -5.88 -8.27 19.37
C GLU E 102 -4.63 -7.96 18.56
N ASP E 103 -3.67 -8.89 18.51
CA ASP E 103 -2.40 -8.62 17.84
C ASP E 103 -2.24 -9.33 16.51
N LEU E 104 -2.81 -10.52 16.36
CA LEU E 104 -2.67 -11.25 15.10
C LEU E 104 -3.42 -10.54 13.98
N ASP E 105 -2.79 -10.47 12.82
CA ASP E 105 -3.34 -9.78 11.67
C ASP E 105 -4.03 -10.77 10.73
N LYS E 106 -4.68 -10.21 9.70
CA LYS E 106 -5.40 -11.06 8.75
C LYS E 106 -4.46 -12.02 8.04
N SER E 107 -3.31 -11.53 7.58
CA SER E 107 -2.32 -12.42 7.00
C SER E 107 -1.82 -13.43 8.02
N ASP E 108 -1.57 -12.97 9.25
CA ASP E 108 -1.10 -13.88 10.28
C ASP E 108 -2.12 -14.97 10.58
N VAL E 109 -3.39 -14.57 10.74
CA VAL E 109 -4.41 -15.55 11.06
C VAL E 109 -4.64 -16.51 9.90
N SER E 110 -4.53 -16.02 8.67
CA SER E 110 -4.65 -16.91 7.51
C SER E 110 -3.51 -17.92 7.48
N SER E 111 -2.30 -17.48 7.78
CA SER E 111 -1.17 -18.41 7.84
C SER E 111 -1.38 -19.44 8.93
N LEU E 112 -1.87 -19.01 10.09
CA LEU E 112 -2.15 -19.95 11.18
C LEU E 112 -3.22 -20.96 10.77
N ILE E 113 -4.26 -20.48 10.08
CA ILE E 113 -5.32 -21.38 9.62
C ILE E 113 -4.77 -22.40 8.66
N PHE E 114 -3.91 -21.97 7.72
CA PHE E 114 -3.29 -22.93 6.83
C PHE E 114 -2.44 -23.93 7.59
N LEU E 115 -1.73 -23.46 8.61
CA LEU E 115 -0.89 -24.37 9.41
C LEU E 115 -1.73 -25.43 10.10
N MET E 116 -2.84 -25.02 10.72
CA MET E 116 -3.60 -25.96 11.54
C MET E 116 -4.74 -26.63 10.79
N LYS E 117 -4.91 -26.36 9.50
CA LYS E 117 -5.90 -27.09 8.72
C LYS E 117 -5.55 -28.57 8.58
N ASP E 118 -4.31 -28.96 8.90
CA ASP E 118 -3.92 -30.36 8.78
C ASP E 118 -4.67 -31.23 9.78
N TYR E 119 -4.68 -30.83 11.05
CA TYR E 119 -5.36 -31.62 12.08
C TYR E 119 -6.86 -31.64 11.85
N MET E 120 -7.43 -30.50 11.48
CA MET E 120 -8.85 -30.42 11.15
C MET E 120 -9.05 -30.76 9.68
N GLY E 121 -10.25 -30.48 9.16
CA GLY E 121 -10.54 -30.72 7.76
C GLY E 121 -10.52 -32.17 7.36
N GLU E 128 -11.37 -16.49 6.23
CA GLU E 128 -12.63 -15.83 6.54
C GLU E 128 -12.88 -15.83 8.05
N LYS E 129 -12.74 -17.00 8.67
CA LYS E 129 -12.95 -17.12 10.10
C LYS E 129 -11.93 -16.29 10.86
N SER E 130 -12.39 -15.61 11.91
CA SER E 130 -11.49 -14.82 12.73
C SER E 130 -10.68 -15.71 13.66
N PHE E 131 -9.69 -15.10 14.31
CA PHE E 131 -8.87 -15.83 15.25
C PHE E 131 -9.70 -16.38 16.40
N LEU E 132 -10.63 -15.58 16.91
CA LEU E 132 -11.47 -16.02 18.01
C LEU E 132 -12.34 -17.20 17.59
N ASP E 133 -12.81 -17.17 16.34
CA ASP E 133 -13.56 -18.31 15.82
C ASP E 133 -12.69 -19.57 15.78
N LEU E 134 -11.43 -19.42 15.40
CA LEU E 134 -10.53 -20.57 15.43
C LEU E 134 -10.33 -21.07 16.85
N VAL E 135 -10.24 -20.15 17.82
CA VAL E 135 -10.05 -20.56 19.21
C VAL E 135 -11.26 -21.34 19.70
N VAL E 136 -12.47 -20.85 19.40
CA VAL E 136 -13.66 -21.55 19.85
C VAL E 136 -13.82 -22.88 19.10
N GLU E 137 -13.34 -22.95 17.86
CA GLU E 137 -13.35 -24.23 17.15
C GLU E 137 -12.42 -25.23 17.84
N LEU E 138 -11.22 -24.78 18.22
CA LEU E 138 -10.29 -25.67 18.91
C LEU E 138 -10.85 -26.11 20.26
N GLU E 139 -11.51 -25.20 20.97
CA GLU E 139 -12.16 -25.57 22.22
C GLU E 139 -13.27 -26.60 21.97
N LYS E 140 -14.02 -26.44 20.88
CA LYS E 140 -15.06 -27.41 20.53
C LYS E 140 -14.46 -28.78 20.27
N LEU E 141 -13.31 -28.82 19.60
CA LEU E 141 -12.60 -30.07 19.39
C LEU E 141 -11.78 -30.49 20.60
N ASN E 142 -11.79 -29.67 21.66
CA ASN E 142 -11.09 -29.97 22.91
C ASN E 142 -9.61 -30.23 22.67
N LEU E 143 -9.00 -29.42 21.81
CA LEU E 143 -7.57 -29.51 21.55
C LEU E 143 -6.74 -28.56 22.39
N VAL E 144 -7.34 -27.47 22.89
CA VAL E 144 -6.65 -26.52 23.76
C VAL E 144 -7.53 -26.25 24.97
N ALA E 145 -6.91 -26.23 26.14
CA ALA E 145 -7.59 -26.01 27.41
C ALA E 145 -6.73 -25.11 28.28
N PRO E 146 -7.33 -24.43 29.27
CA PRO E 146 -6.53 -23.52 30.11
C PRO E 146 -5.37 -24.19 30.83
N ASP E 147 -5.20 -25.50 30.73
CA ASP E 147 -4.03 -26.17 31.28
C ASP E 147 -3.04 -26.64 30.22
N GLN E 148 -3.47 -26.77 28.97
CA GLN E 148 -2.61 -27.25 27.89
C GLN E 148 -2.47 -26.15 26.85
N LEU E 149 -1.23 -25.77 26.53
CA LEU E 149 -0.97 -24.75 25.54
C LEU E 149 0.21 -25.08 24.64
N ASP E 150 0.74 -26.30 24.72
CA ASP E 150 1.95 -26.62 23.96
C ASP E 150 1.71 -26.58 22.46
N LEU E 151 0.54 -27.04 22.01
CA LEU E 151 0.23 -26.98 20.59
C LEU E 151 0.22 -25.54 20.10
N LEU E 152 -0.49 -24.67 20.83
CA LEU E 152 -0.55 -23.26 20.44
C LEU E 152 0.83 -22.61 20.52
N GLU E 153 1.60 -22.96 21.54
CA GLU E 153 2.95 -22.41 21.67
C GLU E 153 3.81 -22.80 20.48
N LYS E 154 3.75 -24.08 20.09
CA LYS E 154 4.55 -24.55 18.96
C LYS E 154 4.10 -23.87 17.67
N CYS E 155 2.79 -23.72 17.49
CA CYS E 155 2.29 -23.04 16.29
C CYS E 155 2.78 -21.60 16.24
N LEU E 156 2.74 -20.90 17.37
CA LEU E 156 3.21 -19.53 17.40
C LEU E 156 4.71 -19.43 17.15
N LYS E 157 5.46 -20.39 17.68
CA LYS E 157 6.90 -20.42 17.43
C LYS E 157 7.20 -20.62 15.95
N ASN E 158 6.43 -21.49 15.29
CA ASN E 158 6.67 -21.77 13.88
C ASN E 158 6.44 -20.57 12.99
N ILE E 159 5.64 -19.61 13.41
CA ILE E 159 5.32 -18.44 12.60
C ILE E 159 6.18 -17.24 12.99
N HIS E 160 7.27 -17.47 13.75
CA HIS E 160 8.22 -16.43 14.12
C HIS E 160 7.59 -15.29 14.90
N ARG E 161 6.54 -15.57 15.68
CA ARG E 161 5.98 -14.59 16.60
C ARG E 161 6.29 -15.07 18.02
N ILE E 162 7.48 -14.69 18.50
CA ILE E 162 7.97 -15.21 19.77
C ILE E 162 7.50 -14.40 20.97
N ASP E 163 7.07 -13.15 20.77
CA ASP E 163 6.58 -12.35 21.89
C ASP E 163 5.37 -13.00 22.53
N LEU E 164 4.46 -13.53 21.71
CA LEU E 164 3.31 -14.24 22.25
C LEU E 164 3.73 -15.49 22.99
N LYS E 165 4.77 -16.18 22.52
CA LYS E 165 5.28 -17.34 23.25
C LYS E 165 5.79 -16.93 24.63
N THR E 166 6.52 -15.81 24.69
CA THR E 166 6.98 -15.32 25.98
C THR E 166 5.80 -14.97 26.89
N LYS E 167 4.78 -14.33 26.32
CA LYS E 167 3.59 -13.99 27.11
C LYS E 167 2.93 -15.24 27.68
N ILE E 168 2.78 -16.27 26.84
CA ILE E 168 2.12 -17.50 27.27
C ILE E 168 2.93 -18.18 28.35
N GLN E 169 4.24 -18.27 28.17
CA GLN E 169 5.09 -18.90 29.17
C GLN E 169 5.04 -18.14 30.49
N LYS E 170 5.06 -16.81 30.43
CA LYS E 170 4.96 -16.01 31.64
C LYS E 170 3.64 -16.25 32.35
N TYR E 171 2.54 -16.32 31.59
CA TYR E 171 1.25 -16.60 32.21
C TYR E 171 1.22 -17.97 32.85
N LYS E 172 1.79 -18.96 32.17
CA LYS E 172 1.80 -20.33 32.71
C LYS E 172 2.63 -20.40 33.98
N GLN E 173 3.75 -19.68 34.03
CA GLN E 173 4.51 -19.59 35.26
C GLN E 173 3.71 -18.92 36.36
N SER E 174 2.99 -17.84 36.02
CA SER E 174 2.26 -17.08 37.03
C SER E 174 1.13 -17.90 37.63
N VAL E 175 0.38 -18.62 36.80
CA VAL E 175 -0.76 -19.38 37.31
C VAL E 175 -0.31 -20.51 38.22
N GLN E 176 0.90 -21.04 38.00
CA GLN E 176 1.46 -22.04 38.90
C GLN E 176 2.88 -21.66 39.31
N MET F 1 -35.62 22.73 3.90
CA MET F 1 -35.59 21.65 4.87
C MET F 1 -36.17 20.37 4.28
N SER F 2 -36.23 20.31 2.95
CA SER F 2 -36.76 19.14 2.29
C SER F 2 -35.83 17.95 2.46
N ALA F 3 -36.42 16.77 2.54
CA ALA F 3 -35.62 15.54 2.57
C ALA F 3 -34.84 15.38 1.28
N GLU F 4 -35.36 15.90 0.18
CA GLU F 4 -34.61 15.87 -1.07
C GLU F 4 -33.39 16.77 -1.01
N VAL F 5 -33.47 17.89 -0.26
CA VAL F 5 -32.28 18.70 -0.02
C VAL F 5 -31.24 17.88 0.72
N ILE F 6 -31.69 17.09 1.71
CA ILE F 6 -30.78 16.21 2.44
C ILE F 6 -30.13 15.22 1.51
N HIS F 7 -30.92 14.62 0.62
CA HIS F 7 -30.38 13.63 -0.31
C HIS F 7 -29.39 14.27 -1.27
N GLN F 8 -29.69 15.49 -1.75
CA GLN F 8 -28.76 16.19 -2.62
C GLN F 8 -27.45 16.48 -1.91
N VAL F 9 -27.53 16.91 -0.65
CA VAL F 9 -26.32 17.18 0.12
C VAL F 9 -25.50 15.91 0.27
N GLU F 10 -26.16 14.79 0.60
CA GLU F 10 -25.45 13.53 0.73
C GLU F 10 -24.79 13.14 -0.59
N GLU F 11 -25.50 13.34 -1.70
CA GLU F 11 -24.94 12.99 -3.00
C GLU F 11 -23.72 13.84 -3.34
N ALA F 12 -23.76 15.14 -3.00
CA ALA F 12 -22.67 16.02 -3.38
C ALA F 12 -21.37 15.65 -2.65
N LEU F 13 -21.47 15.31 -1.37
CA LEU F 13 -20.27 15.03 -0.59
C LEU F 13 -19.67 13.69 -0.97
N ASP F 14 -18.37 13.55 -0.69
CA ASP F 14 -17.65 12.30 -0.93
C ASP F 14 -17.47 11.57 0.40
N THR F 15 -16.69 10.49 0.36
CA THR F 15 -16.52 9.66 1.56
C THR F 15 -15.69 10.36 2.63
N ASP F 16 -14.68 11.12 2.23
CA ASP F 16 -13.82 11.78 3.21
C ASP F 16 -14.60 12.87 3.96
N GLU F 17 -15.34 13.69 3.22
CA GLU F 17 -16.16 14.71 3.86
C GLU F 17 -17.23 14.05 4.74
N LYS F 18 -17.75 12.90 4.31
CA LYS F 18 -18.71 12.18 5.14
C LYS F 18 -18.07 11.74 6.45
N GLU F 19 -16.83 11.24 6.38
CA GLU F 19 -16.13 10.85 7.59
C GLU F 19 -15.92 12.03 8.51
N MET F 20 -15.49 13.17 7.96
CA MET F 20 -15.27 14.34 8.78
C MET F 20 -16.57 14.82 9.42
N LEU F 21 -17.66 14.81 8.66
CA LEU F 21 -18.95 15.22 9.19
C LEU F 21 -19.41 14.29 10.31
N LEU F 22 -19.21 12.97 10.13
CA LEU F 22 -19.57 12.03 11.17
C LEU F 22 -18.77 12.28 12.43
N PHE F 23 -17.47 12.54 12.29
CA PHE F 23 -16.66 12.86 13.45
C PHE F 23 -17.16 14.12 14.13
N LEU F 24 -17.50 15.14 13.34
CA LEU F 24 -17.97 16.40 13.92
C LEU F 24 -19.26 16.20 14.70
N CYS F 25 -20.19 15.43 14.14
CA CYS F 25 -21.49 15.22 14.76
C CYS F 25 -21.49 14.10 15.78
N ARG F 26 -20.35 13.45 16.00
CA ARG F 26 -20.29 12.35 16.95
C ARG F 26 -20.70 12.78 18.35
N ASP F 27 -20.31 13.99 18.75
CA ASP F 27 -20.51 14.40 20.14
C ASP F 27 -21.99 14.54 20.48
N VAL F 28 -22.77 15.18 19.61
CA VAL F 28 -24.17 15.45 19.93
C VAL F 28 -24.98 14.16 19.95
N ALA F 29 -24.70 13.25 19.01
CA ALA F 29 -25.36 11.95 18.98
C ALA F 29 -24.58 10.92 19.79
N ILE F 30 -24.26 11.25 21.03
CA ILE F 30 -23.52 10.34 21.88
C ILE F 30 -24.35 9.14 22.30
N ASP F 31 -25.69 9.27 22.28
CA ASP F 31 -26.57 8.19 22.67
C ASP F 31 -26.71 7.13 21.59
N VAL F 32 -26.78 7.54 20.32
CA VAL F 32 -26.94 6.62 19.21
C VAL F 32 -25.79 6.84 18.23
N VAL F 33 -25.08 5.76 17.89
CA VAL F 33 -23.99 5.81 16.94
C VAL F 33 -24.58 5.55 15.54
N PRO F 34 -24.54 6.52 14.65
CA PRO F 34 -25.13 6.32 13.32
C PRO F 34 -24.14 5.68 12.38
N PRO F 35 -24.42 4.48 11.89
CA PRO F 35 -23.54 3.85 10.88
C PRO F 35 -23.53 4.59 9.55
N ASN F 36 -24.52 5.43 9.28
CA ASN F 36 -24.62 6.12 8.00
C ASN F 36 -24.91 7.60 8.22
N VAL F 37 -24.36 8.43 7.34
CA VAL F 37 -24.57 9.87 7.43
C VAL F 37 -26.02 10.23 7.15
N ARG F 38 -26.66 9.52 6.22
CA ARG F 38 -28.07 9.76 5.95
C ARG F 38 -28.90 9.49 7.20
N ASP F 39 -28.60 8.42 7.91
CA ASP F 39 -29.29 8.13 9.16
C ASP F 39 -29.05 9.23 10.19
N LEU F 40 -27.81 9.73 10.24
CA LEU F 40 -27.49 10.83 11.16
C LEU F 40 -28.34 12.06 10.85
N LEU F 41 -28.44 12.41 9.57
CA LEU F 41 -29.21 13.58 9.19
C LEU F 41 -30.69 13.39 9.47
N ASP F 42 -31.20 12.18 9.23
CA ASP F 42 -32.59 11.89 9.56
C ASP F 42 -32.83 12.01 11.06
N ILE F 43 -31.90 11.51 11.86
CA ILE F 43 -32.03 11.62 13.31
C ILE F 43 -32.04 13.07 13.75
N LEU F 44 -31.14 13.88 13.18
CA LEU F 44 -31.10 15.29 13.53
C LEU F 44 -32.40 15.99 13.15
N ARG F 45 -32.94 15.67 11.97
CA ARG F 45 -34.22 16.25 11.57
C ARG F 45 -35.33 15.85 12.52
N GLU F 46 -35.37 14.57 12.90
CA GLU F 46 -36.42 14.09 13.80
C GLU F 46 -36.32 14.76 15.17
N ARG F 47 -35.10 14.92 15.68
CA ARG F 47 -34.91 15.59 16.96
C ARG F 47 -35.21 17.08 16.88
N GLY F 48 -35.34 17.63 15.68
CA GLY F 48 -35.60 19.04 15.51
C GLY F 48 -34.38 19.92 15.64
N LYS F 49 -33.21 19.36 15.93
CA LYS F 49 -32.00 20.13 16.09
C LYS F 49 -31.40 20.55 14.75
N LEU F 50 -31.84 19.96 13.65
CA LEU F 50 -31.37 20.32 12.33
C LEU F 50 -32.30 21.39 11.75
N SER F 51 -31.71 22.51 11.35
CA SER F 51 -32.46 23.61 10.75
C SER F 51 -31.63 24.19 9.62
N VAL F 52 -32.14 25.30 9.05
CA VAL F 52 -31.43 25.95 7.96
C VAL F 52 -30.08 26.47 8.43
N GLY F 53 -30.07 27.21 9.54
CA GLY F 53 -28.82 27.71 10.08
C GLY F 53 -27.91 26.59 10.54
N ASP F 54 -28.49 25.55 11.15
CA ASP F 54 -27.70 24.41 11.58
C ASP F 54 -27.03 23.72 10.38
N LEU F 55 -27.79 23.52 9.30
CA LEU F 55 -27.22 22.92 8.11
C LEU F 55 -26.13 23.80 7.51
N ALA F 56 -26.36 25.11 7.49
CA ALA F 56 -25.35 26.01 6.96
C ALA F 56 -24.06 25.94 7.78
N GLU F 57 -24.19 25.91 9.10
CA GLU F 57 -23.03 25.76 9.96
C GLU F 57 -22.28 24.47 9.68
N LEU F 58 -23.03 23.36 9.59
CA LEU F 58 -22.39 22.07 9.36
C LEU F 58 -21.66 22.05 8.03
N LEU F 59 -22.27 22.61 6.99
CA LEU F 59 -21.62 22.64 5.69
C LEU F 59 -20.40 23.55 5.70
N TYR F 60 -20.49 24.68 6.40
CA TYR F 60 -19.35 25.59 6.47
C TYR F 60 -18.18 24.94 7.20
N ARG F 61 -18.48 24.08 8.18
CA ARG F 61 -17.41 23.37 8.87
C ARG F 61 -16.59 22.53 7.91
N VAL F 62 -17.21 22.02 6.85
CA VAL F 62 -16.52 21.17 5.89
C VAL F 62 -15.88 21.97 4.76
N ARG F 63 -16.09 23.29 4.73
CA ARG F 63 -15.53 24.16 3.70
C ARG F 63 -16.04 23.77 2.31
N ARG F 64 -17.37 23.82 2.17
CA ARG F 64 -18.04 23.57 0.90
C ARG F 64 -19.01 24.72 0.65
N PHE F 65 -18.49 25.81 0.09
CA PHE F 65 -19.32 26.98 -0.16
C PHE F 65 -20.16 26.85 -1.42
N ASP F 66 -19.82 25.88 -2.29
CA ASP F 66 -20.57 25.71 -3.53
C ASP F 66 -22.03 25.36 -3.25
N LEU F 67 -22.26 24.49 -2.27
CA LEU F 67 -23.63 24.10 -1.96
C LEU F 67 -24.41 25.27 -1.38
N LEU F 68 -23.77 26.05 -0.50
CA LEU F 68 -24.45 27.21 0.07
C LEU F 68 -24.81 28.22 -1.01
N LYS F 69 -23.89 28.47 -1.94
CA LYS F 69 -24.19 29.38 -3.04
C LYS F 69 -25.29 28.83 -3.93
N ARG F 70 -25.29 27.53 -4.17
CA ARG F 70 -26.24 26.91 -5.09
C ARG F 70 -27.55 26.53 -4.40
N ILE F 71 -27.46 25.69 -3.36
CA ILE F 71 -28.66 25.16 -2.73
C ILE F 71 -29.24 26.17 -1.76
N LEU F 72 -28.46 26.58 -0.77
CA LEU F 72 -28.96 27.47 0.27
C LEU F 72 -29.01 28.93 -0.17
N LYS F 73 -28.34 29.28 -1.28
CA LYS F 73 -28.32 30.66 -1.78
C LYS F 73 -27.82 31.62 -0.70
N MET F 74 -26.74 31.25 -0.05
CA MET F 74 -26.16 32.03 1.03
C MET F 74 -24.65 32.13 0.86
N ASP F 75 -24.07 33.16 1.47
CA ASP F 75 -22.64 33.40 1.43
C ASP F 75 -22.02 33.11 2.79
N ARG F 76 -20.71 33.28 2.87
CA ARG F 76 -20.00 33.04 4.12
C ARG F 76 -20.25 34.13 5.15
N LYS F 77 -20.52 35.36 4.71
CA LYS F 77 -20.68 36.46 5.66
C LYS F 77 -21.98 36.34 6.45
N ALA F 78 -23.08 35.99 5.78
CA ALA F 78 -24.34 35.85 6.50
C ALA F 78 -24.27 34.74 7.53
N VAL F 79 -23.72 33.59 7.15
CA VAL F 79 -23.61 32.49 8.08
C VAL F 79 -22.61 32.83 9.19
N GLU F 80 -21.56 33.58 8.87
CA GLU F 80 -20.64 34.02 9.91
C GLU F 80 -21.34 34.90 10.94
N THR F 81 -22.16 35.84 10.47
CA THR F 81 -22.92 36.67 11.39
C THR F 81 -23.89 35.84 12.21
N HIS F 82 -24.55 34.87 11.57
CA HIS F 82 -25.48 34.00 12.28
C HIS F 82 -24.77 33.21 13.37
N LEU F 83 -23.58 32.69 13.07
CA LEU F 83 -22.82 31.93 14.05
C LEU F 83 -22.32 32.82 15.18
N LEU F 84 -21.95 34.06 14.86
CA LEU F 84 -21.62 35.01 15.90
C LEU F 84 -22.83 35.31 16.76
N ARG F 85 -24.03 35.19 16.20
CA ARG F 85 -25.26 35.41 16.95
C ARG F 85 -25.81 34.10 17.55
N ASN F 86 -26.11 33.14 16.69
CA ASN F 86 -26.66 31.88 17.18
C ASN F 86 -25.55 31.04 17.82
N PRO F 87 -25.86 30.36 18.93
CA PRO F 87 -24.87 29.43 19.51
C PRO F 87 -24.58 28.30 18.54
N HIS F 88 -23.31 27.88 18.52
CA HIS F 88 -22.87 26.83 17.61
C HIS F 88 -23.08 25.45 18.24
N LEU F 89 -23.41 24.48 17.39
CA LEU F 89 -23.66 23.13 17.88
C LEU F 89 -22.35 22.42 18.21
N VAL F 90 -21.31 22.62 17.42
CA VAL F 90 -20.03 21.95 17.63
C VAL F 90 -19.14 22.81 18.49
N SER F 91 -18.36 22.16 19.35
CA SER F 91 -17.40 22.89 20.16
C SER F 91 -16.17 23.25 19.34
N ASP F 92 -15.44 24.26 19.82
CA ASP F 92 -14.20 24.64 19.17
C ASP F 92 -13.19 23.50 19.21
N TYR F 93 -13.31 22.62 20.20
CA TYR F 93 -12.39 21.48 20.30
C TYR F 93 -12.49 20.58 19.08
N ARG F 94 -13.72 20.28 18.64
CA ARG F 94 -13.88 19.39 17.50
C ARG F 94 -13.30 19.99 16.24
N VAL F 95 -13.57 21.28 15.99
CA VAL F 95 -13.05 21.88 14.78
C VAL F 95 -11.54 22.01 14.85
N LEU F 96 -10.99 22.23 16.04
CA LEU F 96 -9.54 22.26 16.18
C LEU F 96 -8.93 20.90 15.84
N MET F 97 -9.55 19.83 16.33
CA MET F 97 -9.07 18.50 16.01
C MET F 97 -9.16 18.22 14.52
N ALA F 98 -10.26 18.64 13.89
CA ALA F 98 -10.40 18.45 12.45
C ALA F 98 -9.33 19.22 11.70
N GLU F 99 -9.06 20.46 12.10
CA GLU F 99 -8.04 21.25 11.44
C GLU F 99 -6.67 20.59 11.57
N ILE F 100 -6.34 20.10 12.76
CA ILE F 100 -5.07 19.42 12.94
C ILE F 100 -4.98 18.19 12.05
N GLY F 101 -6.07 17.42 11.98
CA GLY F 101 -6.08 16.26 11.11
C GLY F 101 -5.91 16.63 9.66
N GLU F 102 -6.41 17.80 9.26
CA GLU F 102 -6.25 18.24 7.88
C GLU F 102 -4.79 18.43 7.49
N ASP F 103 -3.95 18.86 8.43
CA ASP F 103 -2.60 19.28 8.11
C ASP F 103 -1.55 18.20 8.33
N LEU F 104 -1.96 16.98 8.65
CA LEU F 104 -1.04 15.88 8.87
C LEU F 104 -1.10 14.91 7.69
N ASP F 105 0.03 14.67 7.05
CA ASP F 105 0.06 13.70 5.96
C ASP F 105 0.10 12.28 6.51
N LYS F 106 -0.23 11.32 5.64
CA LYS F 106 -0.34 9.93 6.08
C LYS F 106 0.97 9.35 6.55
N SER F 107 2.09 9.97 6.19
CA SER F 107 3.38 9.48 6.65
C SER F 107 3.55 9.66 8.15
N ASP F 108 3.28 10.87 8.65
CA ASP F 108 3.60 11.17 10.03
C ASP F 108 2.62 10.56 11.01
N VAL F 109 1.38 10.31 10.59
CA VAL F 109 0.44 9.63 11.46
C VAL F 109 0.91 8.23 11.79
N SER F 110 1.63 7.60 10.85
CA SER F 110 2.26 6.33 11.16
C SER F 110 3.28 6.48 12.27
N SER F 111 4.07 7.55 12.23
CA SER F 111 5.02 7.79 13.31
C SER F 111 4.30 8.01 14.63
N LEU F 112 3.20 8.76 14.61
CA LEU F 112 2.46 9.01 15.83
C LEU F 112 1.89 7.73 16.42
N ILE F 113 1.31 6.88 15.58
CA ILE F 113 0.75 5.63 16.09
C ILE F 113 1.87 4.71 16.56
N PHE F 114 3.03 4.75 15.91
CA PHE F 114 4.17 3.97 16.38
C PHE F 114 4.60 4.45 17.77
N LEU F 115 4.59 5.75 17.99
CA LEU F 115 4.89 6.28 19.32
C LEU F 115 3.86 5.82 20.35
N MET F 116 2.58 5.88 19.99
CA MET F 116 1.51 5.63 20.95
C MET F 116 1.13 4.16 21.06
N LYS F 117 1.81 3.26 20.35
CA LYS F 117 1.50 1.84 20.45
C LYS F 117 1.68 1.30 21.86
N ASP F 118 2.41 2.00 22.73
CA ASP F 118 2.62 1.51 24.09
C ASP F 118 1.30 1.46 24.85
N TYR F 119 0.41 2.41 24.61
CA TYR F 119 -0.82 2.53 25.38
C TYR F 119 -2.00 1.81 24.73
N MET F 120 -1.78 1.06 23.66
CA MET F 120 -2.88 0.40 22.96
C MET F 120 -2.30 -0.76 22.15
N GLY F 121 -3.10 -1.25 21.20
CA GLY F 121 -2.66 -2.34 20.34
C GLY F 121 -3.03 -2.13 18.88
N LYS F 127 -6.09 -1.84 8.79
CA LYS F 127 -5.15 -1.20 9.70
C LYS F 127 -4.80 0.17 9.13
N GLU F 128 -5.49 0.57 8.06
CA GLU F 128 -5.26 1.86 7.42
C GLU F 128 -5.87 2.96 8.30
N LYS F 129 -5.24 3.14 9.45
CA LYS F 129 -5.74 4.10 10.43
C LYS F 129 -5.56 5.53 9.93
N SER F 130 -6.54 6.36 10.24
CA SER F 130 -6.48 7.79 9.95
C SER F 130 -6.44 8.58 11.25
N PHE F 131 -6.01 9.83 11.15
CA PHE F 131 -5.83 10.65 12.34
C PHE F 131 -7.14 10.81 13.09
N LEU F 132 -8.23 11.01 12.37
CA LEU F 132 -9.53 11.14 13.04
C LEU F 132 -9.87 9.85 13.78
N ASP F 133 -9.62 8.70 13.15
CA ASP F 133 -9.82 7.44 13.84
C ASP F 133 -8.92 7.32 15.05
N LEU F 134 -7.68 7.82 14.94
CA LEU F 134 -6.76 7.75 16.05
C LEU F 134 -7.26 8.55 17.25
N VAL F 135 -7.74 9.78 17.00
CA VAL F 135 -8.21 10.59 18.11
C VAL F 135 -9.50 10.02 18.67
N VAL F 136 -10.35 9.41 17.84
CA VAL F 136 -11.52 8.73 18.36
C VAL F 136 -11.11 7.60 19.30
N GLU F 137 -10.13 6.81 18.89
CA GLU F 137 -9.65 5.73 19.73
C GLU F 137 -9.09 6.26 21.04
N LEU F 138 -8.33 7.36 20.97
CA LEU F 138 -7.77 7.95 22.19
C LEU F 138 -8.89 8.43 23.11
N GLU F 139 -9.95 9.01 22.54
CA GLU F 139 -11.09 9.41 23.35
C GLU F 139 -11.74 8.20 24.00
N LYS F 140 -11.83 7.08 23.28
CA LYS F 140 -12.47 5.89 23.82
C LYS F 140 -11.73 5.36 25.04
N LEU F 141 -10.41 5.55 25.09
CA LEU F 141 -9.62 5.10 26.22
C LEU F 141 -9.50 6.17 27.31
N ASN F 142 -10.24 7.27 27.18
CA ASN F 142 -10.28 8.31 28.20
C ASN F 142 -8.88 8.89 28.45
N LEU F 143 -8.22 9.26 27.38
CA LEU F 143 -6.89 9.86 27.46
C LEU F 143 -6.84 11.28 26.94
N VAL F 144 -7.55 11.57 25.86
CA VAL F 144 -7.57 12.91 25.27
C VAL F 144 -8.99 13.44 25.35
N ALA F 145 -9.14 14.62 25.94
CA ALA F 145 -10.43 15.25 26.13
C ALA F 145 -10.31 16.71 25.75
N PRO F 146 -11.44 17.38 25.46
CA PRO F 146 -11.38 18.83 25.24
C PRO F 146 -10.81 19.60 26.41
N ASP F 147 -10.79 19.00 27.60
CA ASP F 147 -10.19 19.64 28.76
C ASP F 147 -8.67 19.50 28.75
N GLN F 148 -8.18 18.27 28.77
CA GLN F 148 -6.75 17.99 28.90
C GLN F 148 -6.18 17.56 27.56
N LEU F 149 -5.05 18.16 27.18
CA LEU F 149 -4.42 17.86 25.90
C LEU F 149 -2.92 17.67 26.04
N ASP F 150 -2.47 17.23 27.22
CA ASP F 150 -1.03 17.11 27.44
C ASP F 150 -0.41 16.08 26.51
N LEU F 151 -1.07 14.94 26.34
CA LEU F 151 -0.47 13.86 25.56
C LEU F 151 -0.27 14.28 24.11
N LEU F 152 -1.30 14.84 23.50
CA LEU F 152 -1.21 15.23 22.10
C LEU F 152 -0.16 16.32 21.90
N GLU F 153 -0.14 17.32 22.79
CA GLU F 153 0.83 18.40 22.68
C GLU F 153 2.26 17.87 22.81
N LYS F 154 2.49 17.01 23.80
CA LYS F 154 3.81 16.46 24.01
C LYS F 154 4.27 15.66 22.80
N CYS F 155 3.39 14.77 22.30
CA CYS F 155 3.77 13.94 21.16
C CYS F 155 4.00 14.78 19.91
N LEU F 156 3.18 15.81 19.70
CA LEU F 156 3.36 16.68 18.55
C LEU F 156 4.68 17.43 18.63
N LYS F 157 5.03 17.91 19.83
CA LYS F 157 6.33 18.57 19.98
C LYS F 157 7.47 17.60 19.71
N ASN F 158 7.32 16.35 20.16
CA ASN F 158 8.42 15.40 20.01
C ASN F 158 8.70 15.06 18.56
N ILE F 159 7.70 15.16 17.69
CA ILE F 159 7.86 14.79 16.29
C ILE F 159 8.17 16.01 15.41
N HIS F 160 8.60 17.11 16.01
CA HIS F 160 9.00 18.31 15.29
C HIS F 160 7.85 18.88 14.47
N ARG F 161 6.74 19.14 15.15
CA ARG F 161 5.58 19.80 14.59
C ARG F 161 5.15 20.85 15.62
N ILE F 162 5.70 22.05 15.48
CA ILE F 162 5.57 23.06 16.53
C ILE F 162 4.37 23.96 16.27
N ASP F 163 4.00 24.12 15.00
CA ASP F 163 2.87 24.99 14.67
C ASP F 163 1.57 24.48 15.28
N LEU F 164 1.39 23.16 15.28
CA LEU F 164 0.21 22.60 15.93
C LEU F 164 0.24 22.84 17.42
N LYS F 165 1.44 22.79 18.03
CA LYS F 165 1.55 23.15 19.43
C LYS F 165 1.13 24.59 19.65
N THR F 166 1.53 25.48 18.74
CA THR F 166 1.11 26.87 18.83
C THR F 166 -0.40 27.00 18.74
N LYS F 167 -1.02 26.26 17.82
CA LYS F 167 -2.47 26.31 17.68
C LYS F 167 -3.16 25.83 18.95
N ILE F 168 -2.69 24.72 19.51
CA ILE F 168 -3.30 24.19 20.73
C ILE F 168 -3.14 25.19 21.87
N GLN F 169 -1.96 25.78 22.01
CA GLN F 169 -1.73 26.75 23.07
C GLN F 169 -2.63 27.97 22.89
N LYS F 170 -2.79 28.43 21.65
CA LYS F 170 -3.66 29.57 21.39
C LYS F 170 -5.11 29.24 21.75
N TYR F 171 -5.57 28.04 21.40
CA TYR F 171 -6.91 27.64 21.79
C TYR F 171 -7.05 27.60 23.30
N LYS F 172 -6.05 27.06 24.00
CA LYS F 172 -6.12 26.98 25.45
C LYS F 172 -6.17 28.37 26.07
N GLN F 173 -5.37 29.30 25.55
CA GLN F 173 -5.40 30.67 26.03
C GLN F 173 -6.73 31.34 25.73
N SER F 174 -7.39 30.94 24.64
CA SER F 174 -8.73 31.46 24.36
C SER F 174 -9.70 31.03 25.46
N VAL F 175 -9.57 29.80 25.94
CA VAL F 175 -10.44 29.32 27.01
C VAL F 175 -9.98 29.87 28.35
N MET G 1 -27.82 4.47 -30.53
CA MET G 1 -27.00 4.71 -29.34
C MET G 1 -26.76 3.39 -28.62
N SER G 2 -25.87 2.58 -29.17
CA SER G 2 -25.58 1.28 -28.58
C SER G 2 -24.53 1.41 -27.47
N ALA G 3 -24.56 0.46 -26.54
CA ALA G 3 -23.51 0.39 -25.54
C ALA G 3 -22.21 -0.17 -26.11
N GLU G 4 -22.27 -0.82 -27.27
CA GLU G 4 -21.07 -1.36 -27.90
C GLU G 4 -20.10 -0.25 -28.27
N VAL G 5 -20.59 0.79 -28.93
CA VAL G 5 -19.74 1.92 -29.27
C VAL G 5 -19.27 2.63 -28.01
N ILE G 6 -20.11 2.64 -26.97
CA ILE G 6 -19.70 3.25 -25.70
C ILE G 6 -18.49 2.52 -25.13
N HIS G 7 -18.54 1.19 -25.12
CA HIS G 7 -17.41 0.41 -24.62
C HIS G 7 -16.19 0.60 -25.50
N GLN G 8 -16.39 0.66 -26.82
CA GLN G 8 -15.27 0.87 -27.73
C GLN G 8 -14.58 2.19 -27.46
N VAL G 9 -15.36 3.25 -27.24
CA VAL G 9 -14.78 4.55 -26.93
C VAL G 9 -14.07 4.51 -25.58
N GLU G 10 -14.69 3.86 -24.59
CA GLU G 10 -14.09 3.82 -23.26
C GLU G 10 -12.75 3.11 -23.27
N GLU G 11 -12.66 1.98 -23.95
CA GLU G 11 -11.40 1.23 -23.97
C GLU G 11 -10.34 1.94 -24.80
N ALA G 12 -10.74 2.79 -25.75
CA ALA G 12 -9.82 3.43 -26.66
C ALA G 12 -9.22 4.72 -26.10
N LEU G 13 -9.50 5.05 -24.85
CA LEU G 13 -9.00 6.28 -24.24
C LEU G 13 -8.16 5.93 -23.02
N ASP G 14 -7.02 6.62 -22.87
CA ASP G 14 -6.14 6.40 -21.74
C ASP G 14 -6.73 7.04 -20.48
N THR G 15 -6.13 6.70 -19.34
CA THR G 15 -6.54 7.28 -18.07
C THR G 15 -6.25 8.78 -18.00
N ASP G 16 -5.29 9.26 -18.80
CA ASP G 16 -4.98 10.69 -18.78
C ASP G 16 -6.17 11.51 -19.23
N GLU G 17 -6.83 11.11 -20.31
CA GLU G 17 -7.96 11.84 -20.84
C GLU G 17 -9.27 11.52 -20.12
N LYS G 18 -9.30 10.43 -19.33
CA LYS G 18 -10.51 10.09 -18.59
C LYS G 18 -10.86 11.20 -17.61
N GLU G 19 -9.89 11.67 -16.83
CA GLU G 19 -10.14 12.71 -15.85
C GLU G 19 -10.52 14.02 -16.53
N MET G 20 -9.89 14.33 -17.66
CA MET G 20 -10.26 15.52 -18.41
C MET G 20 -11.71 15.44 -18.87
N LEU G 21 -12.12 14.27 -19.36
CA LEU G 21 -13.51 14.11 -19.79
C LEU G 21 -14.46 14.27 -18.61
N LEU G 22 -14.12 13.69 -17.46
CA LEU G 22 -14.95 13.86 -16.27
C LEU G 22 -15.06 15.32 -15.87
N PHE G 23 -13.96 16.05 -15.95
CA PHE G 23 -13.99 17.47 -15.61
C PHE G 23 -14.85 18.26 -16.59
N LEU G 24 -14.77 17.92 -17.88
CA LEU G 24 -15.45 18.71 -18.90
C LEU G 24 -16.96 18.64 -18.74
N CYS G 25 -17.50 17.50 -18.29
CA CYS G 25 -18.93 17.31 -18.15
C CYS G 25 -19.41 17.42 -16.70
N ARG G 26 -18.66 18.14 -15.87
CA ARG G 26 -19.01 18.22 -14.45
C ARG G 26 -20.35 18.92 -14.24
N ASP G 27 -20.60 19.99 -15.00
CA ASP G 27 -21.80 20.79 -14.78
C ASP G 27 -23.07 20.00 -15.14
N VAL G 28 -23.04 19.25 -16.24
CA VAL G 28 -24.23 18.52 -16.66
C VAL G 28 -24.57 17.44 -15.65
N ALA G 29 -23.58 16.68 -15.21
CA ALA G 29 -23.74 15.67 -14.18
C ALA G 29 -23.25 16.30 -12.88
N ILE G 30 -24.10 17.12 -12.29
CA ILE G 30 -23.74 17.85 -11.08
C ILE G 30 -24.54 17.42 -9.86
N ASP G 31 -25.71 16.81 -10.05
CA ASP G 31 -26.50 16.33 -8.92
C ASP G 31 -25.94 15.03 -8.35
N VAL G 32 -25.10 14.32 -9.11
CA VAL G 32 -24.53 13.05 -8.68
C VAL G 32 -23.03 13.08 -8.93
N VAL G 33 -22.33 12.19 -8.25
CA VAL G 33 -20.89 12.04 -8.38
C VAL G 33 -20.61 10.85 -9.31
N PRO G 34 -19.93 11.06 -10.43
CA PRO G 34 -19.61 9.94 -11.31
C PRO G 34 -18.27 9.33 -10.94
N PRO G 35 -18.22 8.00 -10.76
CA PRO G 35 -16.97 7.36 -10.38
C PRO G 35 -15.97 7.25 -11.52
N ASN G 36 -16.43 6.87 -12.71
CA ASN G 36 -15.54 6.66 -13.84
C ASN G 36 -16.28 7.00 -15.13
N VAL G 37 -15.65 6.69 -16.26
CA VAL G 37 -16.16 7.10 -17.55
C VAL G 37 -17.43 6.32 -17.90
N ARG G 38 -17.42 5.01 -17.70
CA ARG G 38 -18.55 4.18 -18.12
C ARG G 38 -19.81 4.56 -17.36
N ASP G 39 -19.69 4.75 -16.06
CA ASP G 39 -20.86 5.12 -15.26
C ASP G 39 -21.39 6.48 -15.65
N LEU G 40 -20.48 7.43 -15.94
CA LEU G 40 -20.92 8.75 -16.37
C LEU G 40 -21.67 8.68 -17.69
N LEU G 41 -21.15 7.90 -18.65
CA LEU G 41 -21.83 7.76 -19.93
C LEU G 41 -23.18 7.07 -19.76
N ASP G 42 -23.25 6.07 -18.89
CA ASP G 42 -24.53 5.42 -18.60
C ASP G 42 -25.52 6.42 -18.01
N ILE G 43 -25.06 7.28 -17.10
CA ILE G 43 -25.95 8.27 -16.50
C ILE G 43 -26.45 9.25 -17.55
N LEU G 44 -25.57 9.69 -18.45
CA LEU G 44 -25.99 10.58 -19.52
C LEU G 44 -26.99 9.92 -20.44
N ARG G 45 -26.77 8.64 -20.78
CA ARG G 45 -27.73 7.94 -21.63
C ARG G 45 -29.08 7.82 -20.94
N GLU G 46 -29.08 7.51 -19.64
CA GLU G 46 -30.33 7.40 -18.89
C GLU G 46 -31.06 8.73 -18.84
N ARG G 47 -30.31 9.82 -18.61
CA ARG G 47 -30.92 11.14 -18.55
C ARG G 47 -31.45 11.61 -19.90
N GLY G 48 -31.04 10.96 -20.99
CA GLY G 48 -31.48 11.35 -22.30
C GLY G 48 -30.74 12.52 -22.90
N LYS G 49 -29.79 13.11 -22.17
CA LYS G 49 -29.00 14.22 -22.68
C LYS G 49 -27.82 13.77 -23.51
N LEU G 50 -27.63 12.47 -23.69
CA LEU G 50 -26.53 11.92 -24.48
C LEU G 50 -27.04 11.53 -25.85
N SER G 51 -26.36 12.02 -26.88
CA SER G 51 -26.69 11.69 -28.26
C SER G 51 -25.39 11.58 -29.05
N VAL G 52 -25.52 11.27 -30.34
CA VAL G 52 -24.34 11.17 -31.20
C VAL G 52 -23.65 12.52 -31.32
N GLY G 53 -24.43 13.60 -31.38
CA GLY G 53 -23.82 14.91 -31.45
C GLY G 53 -23.03 15.26 -30.20
N ASP G 54 -23.57 14.90 -29.03
CA ASP G 54 -22.87 15.15 -27.78
C ASP G 54 -21.55 14.38 -27.72
N LEU G 55 -21.58 13.10 -28.12
CA LEU G 55 -20.37 12.29 -28.13
C LEU G 55 -19.35 12.86 -29.10
N ALA G 56 -19.80 13.27 -30.29
CA ALA G 56 -18.89 13.85 -31.26
C ALA G 56 -18.27 15.14 -30.73
N GLU G 57 -19.07 15.98 -30.08
CA GLU G 57 -18.55 17.22 -29.50
C GLU G 57 -17.52 16.94 -28.43
N LEU G 58 -17.79 15.96 -27.56
CA LEU G 58 -16.83 15.62 -26.52
C LEU G 58 -15.54 15.07 -27.12
N LEU G 59 -15.65 14.23 -28.15
CA LEU G 59 -14.45 13.71 -28.80
C LEU G 59 -13.65 14.82 -29.47
N TYR G 60 -14.34 15.78 -30.09
CA TYR G 60 -13.64 16.92 -30.67
C TYR G 60 -12.95 17.74 -29.59
N ARG G 61 -13.60 17.89 -28.44
CA ARG G 61 -13.00 18.64 -27.34
C ARG G 61 -11.73 17.97 -26.85
N VAL G 62 -11.75 16.64 -26.70
CA VAL G 62 -10.57 15.91 -26.25
C VAL G 62 -9.55 15.73 -27.36
N ARG G 63 -9.90 16.11 -28.59
CA ARG G 63 -8.98 16.07 -29.73
C ARG G 63 -8.48 14.65 -30.00
N ARG G 64 -9.42 13.78 -30.36
CA ARG G 64 -9.14 12.42 -30.79
C ARG G 64 -9.87 12.13 -32.09
N PHE G 65 -9.68 13.02 -33.06
CA PHE G 65 -10.46 12.99 -34.30
C PHE G 65 -10.31 11.67 -35.04
N ASP G 66 -9.15 11.02 -34.91
CA ASP G 66 -8.93 9.75 -35.59
C ASP G 66 -9.91 8.68 -35.11
N LEU G 67 -10.30 8.72 -33.85
CA LEU G 67 -11.31 7.79 -33.35
C LEU G 67 -12.64 8.00 -34.06
N LEU G 68 -13.03 9.26 -34.25
CA LEU G 68 -14.25 9.55 -35.00
C LEU G 68 -14.12 9.08 -36.45
N LYS G 69 -12.94 9.29 -37.05
CA LYS G 69 -12.73 8.87 -38.43
C LYS G 69 -12.85 7.35 -38.57
N ARG G 70 -12.28 6.60 -37.64
CA ARG G 70 -12.29 5.15 -37.74
C ARG G 70 -13.65 4.57 -37.36
N ILE G 71 -14.30 5.14 -36.34
CA ILE G 71 -15.54 4.58 -35.83
C ILE G 71 -16.73 5.26 -36.50
N LEU G 72 -16.88 6.56 -36.28
CA LEU G 72 -18.03 7.28 -36.81
C LEU G 72 -17.82 7.76 -38.24
N LYS G 73 -16.61 7.65 -38.78
CA LYS G 73 -16.29 8.11 -40.13
C LYS G 73 -16.66 9.58 -40.31
N MET G 74 -16.41 10.37 -39.27
CA MET G 74 -16.75 11.79 -39.27
C MET G 74 -15.49 12.60 -39.02
N ASP G 75 -15.33 13.68 -39.78
CA ASP G 75 -14.18 14.55 -39.67
C ASP G 75 -14.47 15.70 -38.71
N ARG G 76 -13.42 16.44 -38.38
CA ARG G 76 -13.55 17.57 -37.48
C ARG G 76 -14.38 18.70 -38.08
N LYS G 77 -14.45 18.78 -39.41
CA LYS G 77 -15.27 19.81 -40.05
C LYS G 77 -16.75 19.61 -39.72
N ALA G 78 -17.22 18.36 -39.78
CA ALA G 78 -18.63 18.09 -39.52
C ALA G 78 -19.00 18.41 -38.08
N VAL G 79 -18.16 18.00 -37.13
CA VAL G 79 -18.46 18.28 -35.73
C VAL G 79 -18.34 19.78 -35.45
N GLU G 80 -17.40 20.47 -36.11
CA GLU G 80 -17.31 21.91 -35.95
C GLU G 80 -18.57 22.61 -36.45
N THR G 81 -19.06 22.19 -37.62
CA THR G 81 -20.31 22.77 -38.13
C THR G 81 -21.48 22.47 -37.21
N HIS G 82 -21.54 21.25 -36.69
CA HIS G 82 -22.61 20.90 -35.75
C HIS G 82 -22.55 21.78 -34.50
N LEU G 83 -21.35 22.00 -33.97
CA LEU G 83 -21.21 22.86 -32.79
C LEU G 83 -21.58 24.30 -33.12
N LEU G 84 -21.25 24.75 -34.33
CA LEU G 84 -21.62 26.11 -34.73
C LEU G 84 -23.14 26.25 -34.83
N ARG G 85 -23.83 25.24 -35.34
CA ARG G 85 -25.26 25.30 -35.56
C ARG G 85 -26.09 24.85 -34.37
N ASN G 86 -25.46 24.40 -33.29
CA ASN G 86 -26.17 23.87 -32.14
C ASN G 86 -25.58 24.47 -30.86
N PRO G 87 -26.37 24.52 -29.78
CA PRO G 87 -25.81 24.98 -28.51
C PRO G 87 -24.67 24.09 -28.04
N HIS G 88 -23.68 24.72 -27.41
CA HIS G 88 -22.49 24.00 -26.97
C HIS G 88 -22.81 23.13 -25.76
N LEU G 89 -22.40 21.86 -25.83
CA LEU G 89 -22.59 20.97 -24.69
C LEU G 89 -21.73 21.36 -23.51
N VAL G 90 -20.50 21.82 -23.77
CA VAL G 90 -19.54 22.17 -22.74
C VAL G 90 -19.36 23.68 -22.75
N SER G 91 -19.33 24.28 -21.56
CA SER G 91 -19.11 25.71 -21.44
C SER G 91 -17.69 26.07 -21.87
N ASP G 92 -17.54 27.25 -22.45
CA ASP G 92 -16.22 27.71 -22.85
C ASP G 92 -15.28 27.86 -21.66
N TYR G 93 -15.84 28.09 -20.47
CA TYR G 93 -15.03 28.15 -19.27
C TYR G 93 -14.35 26.82 -19.00
N ARG G 94 -15.10 25.72 -19.14
CA ARG G 94 -14.54 24.40 -18.90
C ARG G 94 -13.43 24.08 -19.89
N VAL G 95 -13.66 24.35 -21.18
CA VAL G 95 -12.63 24.04 -22.17
C VAL G 95 -11.43 24.95 -21.98
N LEU G 96 -11.64 26.19 -21.55
CA LEU G 96 -10.51 27.07 -21.24
C LEU G 96 -9.68 26.50 -20.10
N MET G 97 -10.34 26.03 -19.05
CA MET G 97 -9.61 25.42 -17.94
C MET G 97 -8.84 24.20 -18.40
N ALA G 98 -9.46 23.36 -19.23
CA ALA G 98 -8.80 22.16 -19.72
C ALA G 98 -7.59 22.51 -20.57
N GLU G 99 -7.72 23.50 -21.44
CA GLU G 99 -6.60 23.91 -22.28
C GLU G 99 -5.46 24.47 -21.44
N ILE G 100 -5.79 25.25 -20.39
CA ILE G 100 -4.76 25.77 -19.51
C ILE G 100 -4.04 24.62 -18.82
N GLY G 101 -4.79 23.63 -18.33
CA GLY G 101 -4.17 22.47 -17.71
C GLY G 101 -3.26 21.72 -18.65
N GLU G 102 -3.69 21.55 -19.90
CA GLU G 102 -2.86 20.91 -20.91
C GLU G 102 -1.62 21.74 -21.24
N ASP G 103 -1.69 23.06 -21.13
CA ASP G 103 -0.62 23.94 -21.56
C ASP G 103 0.39 24.25 -20.46
N LEU G 104 0.55 23.33 -19.50
CA LEU G 104 1.48 23.54 -18.40
C LEU G 104 2.24 22.24 -18.12
N ASP G 105 3.31 22.37 -17.35
CA ASP G 105 4.14 21.24 -16.95
C ASP G 105 4.10 21.07 -15.43
N LYS G 106 4.68 19.96 -14.97
CA LYS G 106 4.74 19.70 -13.54
C LYS G 106 5.65 20.67 -12.81
N SER G 107 6.48 21.42 -13.53
CA SER G 107 7.35 22.40 -12.90
C SER G 107 6.59 23.58 -12.32
N ASP G 108 5.30 23.72 -12.62
CA ASP G 108 4.52 24.86 -12.17
C ASP G 108 3.47 24.51 -11.13
N VAL G 109 3.00 23.25 -11.10
CA VAL G 109 1.95 22.89 -10.17
C VAL G 109 2.45 23.01 -8.74
N SER G 110 3.71 22.67 -8.50
CA SER G 110 4.28 22.80 -7.16
C SER G 110 4.26 24.26 -6.72
N SER G 111 4.70 25.17 -7.60
CA SER G 111 4.68 26.58 -7.27
C SER G 111 3.27 27.08 -7.01
N LEU G 112 2.32 26.68 -7.85
CA LEU G 112 0.94 27.14 -7.69
C LEU G 112 0.35 26.65 -6.37
N ILE G 113 0.54 25.36 -6.04
CA ILE G 113 -0.01 24.86 -4.79
C ILE G 113 0.68 25.50 -3.60
N PHE G 114 1.97 25.85 -3.74
CA PHE G 114 2.63 26.59 -2.69
C PHE G 114 2.02 27.98 -2.51
N LEU G 115 1.69 28.64 -3.61
CA LEU G 115 1.16 29.99 -3.53
C LEU G 115 -0.17 30.03 -2.80
N MET G 116 -1.08 29.10 -3.12
CA MET G 116 -2.39 29.05 -2.49
C MET G 116 -2.42 28.10 -1.30
N LYS G 117 -1.25 27.81 -0.73
CA LYS G 117 -1.18 26.92 0.43
C LYS G 117 -1.98 27.44 1.60
N ASP G 118 -2.17 28.76 1.70
CA ASP G 118 -2.93 29.33 2.81
C ASP G 118 -4.38 28.84 2.79
N TYR G 119 -5.00 28.81 1.61
CA TYR G 119 -6.40 28.44 1.53
C TYR G 119 -6.60 26.94 1.79
N MET G 120 -5.72 26.11 1.24
CA MET G 120 -5.88 24.67 1.32
C MET G 120 -5.20 24.13 2.57
N GLY G 121 -5.09 22.80 2.66
CA GLY G 121 -4.44 22.17 3.79
C GLY G 121 -3.26 21.29 3.38
N ARG G 122 -2.41 20.94 4.34
CA ARG G 122 -1.24 20.13 4.03
C ARG G 122 -1.63 18.75 3.53
N GLY G 123 -2.61 18.12 4.17
CA GLY G 123 -3.01 16.77 3.78
C GLY G 123 -3.63 16.73 2.39
N LYS G 124 -4.44 17.73 2.06
CA LYS G 124 -5.11 17.75 0.76
C LYS G 124 -4.11 17.88 -0.37
N ILE G 125 -3.10 18.73 -0.20
CA ILE G 125 -2.15 19.03 -1.27
C ILE G 125 -0.91 18.14 -1.20
N SER G 126 -0.81 17.28 -0.18
CA SER G 126 0.35 16.40 -0.06
C SER G 126 0.44 15.44 -1.23
N LYS G 127 -0.68 14.83 -1.60
CA LYS G 127 -0.71 13.95 -2.75
C LYS G 127 -0.64 14.76 -4.04
N GLU G 128 -0.02 14.16 -5.06
CA GLU G 128 0.11 14.84 -6.35
C GLU G 128 -1.24 14.99 -7.02
N LYS G 129 -1.54 16.20 -7.48
CA LYS G 129 -2.80 16.50 -8.14
C LYS G 129 -2.54 17.31 -9.40
N SER G 130 -3.44 17.19 -10.36
CA SER G 130 -3.32 17.94 -11.60
C SER G 130 -3.93 19.33 -11.44
N PHE G 131 -3.78 20.14 -12.48
CA PHE G 131 -4.32 21.50 -12.45
C PHE G 131 -5.84 21.49 -12.33
N LEU G 132 -6.51 20.58 -13.05
CA LEU G 132 -7.95 20.52 -12.98
C LEU G 132 -8.43 20.14 -11.59
N ASP G 133 -7.69 19.27 -10.90
CA ASP G 133 -8.05 18.92 -9.54
C ASP G 133 -7.97 20.14 -8.62
N LEU G 134 -6.92 20.93 -8.75
CA LEU G 134 -6.81 22.15 -7.96
C LEU G 134 -7.93 23.12 -8.31
N VAL G 135 -8.30 23.21 -9.58
CA VAL G 135 -9.39 24.08 -10.00
C VAL G 135 -10.69 23.62 -9.35
N VAL G 136 -10.93 22.32 -9.34
CA VAL G 136 -12.14 21.77 -8.73
C VAL G 136 -12.16 22.09 -7.24
N GLU G 137 -11.02 21.91 -6.58
CA GLU G 137 -10.95 22.22 -5.14
C GLU G 137 -11.23 23.68 -4.88
N LEU G 138 -10.68 24.56 -5.71
CA LEU G 138 -10.95 25.98 -5.57
C LEU G 138 -12.42 26.29 -5.79
N GLU G 139 -13.05 25.60 -6.76
CA GLU G 139 -14.48 25.79 -6.99
C GLU G 139 -15.28 25.36 -5.77
N LYS G 140 -14.87 24.27 -5.12
CA LYS G 140 -15.56 23.82 -3.91
C LYS G 140 -15.56 24.90 -2.84
N LEU G 141 -14.51 25.72 -2.80
CA LEU G 141 -14.46 26.87 -1.91
C LEU G 141 -15.16 28.08 -2.49
N ASN G 142 -15.69 27.99 -3.72
CA ASN G 142 -16.36 29.09 -4.39
C ASN G 142 -15.43 30.30 -4.51
N LEU G 143 -14.14 30.03 -4.69
CA LEU G 143 -13.16 31.09 -4.87
C LEU G 143 -12.85 31.37 -6.32
N VAL G 144 -13.19 30.45 -7.23
CA VAL G 144 -13.04 30.65 -8.66
C VAL G 144 -14.39 30.35 -9.31
N ALA G 145 -14.79 31.21 -10.24
CA ALA G 145 -16.06 31.09 -10.92
C ALA G 145 -15.85 31.42 -12.40
N PRO G 146 -16.71 30.90 -13.27
CA PRO G 146 -16.59 31.26 -14.70
C PRO G 146 -16.69 32.76 -14.94
N ASP G 147 -17.48 33.46 -14.12
CA ASP G 147 -17.58 34.91 -14.19
C ASP G 147 -16.64 35.62 -13.23
N GLN G 148 -15.83 34.86 -12.48
CA GLN G 148 -14.94 35.45 -11.48
C GLN G 148 -13.61 34.69 -11.54
N LEU G 149 -12.65 35.24 -12.28
CA LEU G 149 -11.35 34.59 -12.47
C LEU G 149 -10.21 35.46 -11.95
N ASP G 150 -10.49 36.35 -11.01
CA ASP G 150 -9.49 37.32 -10.59
C ASP G 150 -8.34 36.66 -9.83
N LEU G 151 -8.66 35.74 -8.91
CA LEU G 151 -7.61 35.10 -8.13
C LEU G 151 -6.70 34.26 -9.02
N LEU G 152 -7.30 33.51 -9.95
CA LEU G 152 -6.49 32.74 -10.89
C LEU G 152 -5.65 33.67 -11.77
N GLU G 153 -6.23 34.80 -12.17
CA GLU G 153 -5.47 35.78 -12.94
C GLU G 153 -4.23 36.25 -12.17
N LYS G 154 -4.42 36.61 -10.89
CA LYS G 154 -3.30 37.07 -10.09
C LYS G 154 -2.26 35.97 -9.92
N CYS G 155 -2.71 34.74 -9.66
CA CYS G 155 -1.77 33.63 -9.47
C CYS G 155 -0.97 33.38 -10.75
N LEU G 156 -1.62 33.43 -11.90
CA LEU G 156 -0.90 33.26 -13.17
C LEU G 156 0.10 34.38 -13.38
N LYS G 157 -0.28 35.62 -13.05
CA LYS G 157 0.67 36.72 -13.17
C LYS G 157 1.85 36.53 -12.23
N ASN G 158 1.64 35.88 -11.09
CA ASN G 158 2.69 35.73 -10.10
C ASN G 158 3.79 34.77 -10.54
N ILE G 159 3.50 33.88 -11.48
CA ILE G 159 4.47 32.90 -11.93
C ILE G 159 5.21 33.37 -13.17
N HIS G 160 5.18 34.67 -13.45
CA HIS G 160 5.89 35.26 -14.59
C HIS G 160 5.41 34.68 -15.91
N ARG G 161 4.13 34.32 -15.97
CA ARG G 161 3.50 33.82 -17.19
C ARG G 161 2.33 34.72 -17.53
N ILE G 162 2.37 35.31 -18.72
CA ILE G 162 1.37 36.29 -19.13
C ILE G 162 0.59 35.84 -20.37
N ASP G 163 1.13 34.94 -21.19
CA ASP G 163 0.36 34.44 -22.32
C ASP G 163 -0.95 33.80 -21.85
N LEU G 164 -0.88 33.03 -20.76
CA LEU G 164 -2.10 32.52 -20.16
C LEU G 164 -2.98 33.65 -19.62
N LYS G 165 -2.36 34.71 -19.10
CA LYS G 165 -3.14 35.87 -18.69
C LYS G 165 -3.84 36.51 -19.88
N THR G 166 -3.15 36.59 -21.02
CA THR G 166 -3.78 37.10 -22.23
C THR G 166 -4.94 36.21 -22.67
N LYS G 167 -4.78 34.89 -22.55
CA LYS G 167 -5.86 33.97 -22.87
C LYS G 167 -7.06 34.19 -21.97
N ILE G 168 -6.80 34.38 -20.66
CA ILE G 168 -7.88 34.62 -19.72
C ILE G 168 -8.61 35.91 -20.06
N GLN G 169 -7.84 36.96 -20.37
CA GLN G 169 -8.45 38.24 -20.75
C GLN G 169 -9.25 38.09 -22.04
N LYS G 170 -8.76 37.28 -22.97
CA LYS G 170 -9.50 37.02 -24.20
C LYS G 170 -10.83 36.35 -23.91
N TYR G 171 -10.83 35.37 -23.01
CA TYR G 171 -12.08 34.74 -22.62
C TYR G 171 -13.02 35.74 -21.94
N LYS G 172 -12.47 36.59 -21.08
CA LYS G 172 -13.29 37.60 -20.41
C LYS G 172 -13.93 38.55 -21.42
N GLN G 173 -13.16 38.99 -22.41
CA GLN G 173 -13.70 39.84 -23.45
C GLN G 173 -14.72 39.10 -24.31
N SER G 174 -14.57 37.78 -24.46
CA SER G 174 -15.56 36.99 -25.15
C SER G 174 -16.91 37.00 -24.44
N VAL G 175 -16.92 37.31 -23.14
CA VAL G 175 -18.16 37.40 -22.40
C VAL G 175 -18.93 38.65 -22.82
#